data_1TRL
#
_entry.id   1TRL
#
_cell.length_a   1.000
_cell.length_b   1.000
_cell.length_c   1.000
_cell.angle_alpha   90.00
_cell.angle_beta   90.00
_cell.angle_gamma   90.00
#
_symmetry.space_group_name_H-M   'P 1'
#
_entity_poly.entity_id   1
_entity_poly.type   'polypeptide(L)'
_entity_poly.pdbx_seq_one_letter_code
;VVGIGRDKLGKIFYRALTQYLTPTSNFSQLRAAAVQSATDLYGSTSQEVASVKQAFDAVGVK
;
_entity_poly.pdbx_strand_id   A,B
#
# COMPACT_ATOMS: atom_id res chain seq x y z
N VAL A 1 14.50 -6.02 8.33
CA VAL A 1 14.44 -4.82 9.19
C VAL A 1 13.59 -3.66 8.60
N VAL A 2 12.30 -3.77 8.86
CA VAL A 2 11.31 -2.73 8.53
C VAL A 2 11.35 -1.56 9.54
N GLY A 3 12.42 -0.79 9.40
CA GLY A 3 12.88 0.22 10.38
C GLY A 3 12.10 1.53 10.54
N ILE A 4 10.95 1.65 9.89
CA ILE A 4 10.08 2.85 9.98
C ILE A 4 8.84 2.68 10.88
N GLY A 5 8.44 1.43 11.03
CA GLY A 5 7.20 1.04 11.71
C GLY A 5 6.06 1.13 10.69
N ARG A 6 5.39 -0.01 10.55
CA ARG A 6 4.14 -0.17 9.78
C ARG A 6 3.21 1.05 9.67
N ASP A 7 3.14 1.89 10.70
CA ASP A 7 2.34 3.14 10.61
C ASP A 7 2.86 4.10 9.52
N LYS A 8 4.17 4.22 9.31
CA LYS A 8 4.70 5.09 8.23
C LYS A 8 4.35 4.65 6.81
N LEU A 9 4.19 3.34 6.66
CA LEU A 9 3.88 2.66 5.38
C LEU A 9 2.60 3.19 4.67
N GLY A 10 1.70 3.78 5.43
CA GLY A 10 0.44 4.39 4.94
C GLY A 10 0.58 5.61 4.03
N LYS A 11 1.43 6.54 4.46
CA LYS A 11 1.83 7.75 3.70
C LYS A 11 2.19 7.41 2.24
N ILE A 12 3.07 6.42 2.15
CA ILE A 12 3.61 5.86 0.90
C ILE A 12 2.47 5.40 -0.02
N PHE A 13 1.66 4.49 0.49
CA PHE A 13 0.66 3.78 -0.33
C PHE A 13 -0.51 4.60 -0.86
N TYR A 14 -0.91 5.61 -0.10
CA TYR A 14 -1.86 6.63 -0.59
C TYR A 14 -1.33 7.30 -1.88
N ARG A 15 -0.12 7.83 -1.79
CA ARG A 15 0.60 8.51 -2.88
C ARG A 15 0.84 7.54 -4.06
N ALA A 16 1.35 6.36 -3.71
CA ALA A 16 1.57 5.23 -4.64
C ALA A 16 0.36 4.93 -5.51
N LEU A 17 -0.80 4.73 -4.88
CA LEU A 17 -2.06 4.51 -5.62
C LEU A 17 -2.52 5.72 -6.45
N THR A 18 -2.76 6.82 -5.76
CA THR A 18 -3.52 7.96 -6.34
C THR A 18 -2.75 8.84 -7.33
N GLN A 19 -1.43 8.90 -7.16
CA GLN A 19 -0.54 9.75 -7.96
C GLN A 19 0.44 8.98 -8.88
N TYR A 20 0.80 7.74 -8.50
CA TYR A 20 1.83 6.97 -9.22
C TYR A 20 1.36 5.70 -9.95
N LEU A 21 0.14 5.28 -9.64
CA LEU A 21 -0.36 3.98 -10.14
C LEU A 21 -1.36 4.19 -11.27
N THR A 22 -1.48 3.13 -12.06
CA THR A 22 -2.44 3.03 -13.19
C THR A 22 -3.65 2.16 -12.86
N PRO A 23 -4.78 2.44 -13.51
CA PRO A 23 -5.95 1.55 -13.53
C PRO A 23 -5.58 0.10 -13.86
N THR A 24 -4.81 -0.05 -14.94
CA THR A 24 -4.31 -1.35 -15.45
C THR A 24 -2.98 -1.78 -14.81
N SER A 25 -3.00 -1.75 -13.48
CA SER A 25 -1.81 -2.03 -12.65
C SER A 25 -1.47 -3.50 -12.40
N ASN A 26 -0.23 -3.63 -11.98
CA ASN A 26 0.43 -4.91 -11.66
C ASN A 26 1.43 -4.73 -10.52
N PHE A 27 1.83 -5.87 -9.98
CA PHE A 27 2.74 -5.97 -8.82
C PHE A 27 4.03 -5.13 -9.04
N SER A 28 4.72 -5.39 -10.15
CA SER A 28 5.90 -4.60 -10.57
C SER A 28 5.68 -3.09 -10.67
N GLN A 29 4.54 -2.66 -11.24
CA GLN A 29 4.14 -1.24 -11.26
C GLN A 29 4.05 -0.64 -9.85
N LEU A 30 3.40 -1.37 -8.94
CA LEU A 30 3.23 -1.01 -7.53
C LEU A 30 4.57 -0.90 -6.76
N ARG A 31 5.48 -1.82 -7.06
CA ARG A 31 6.85 -1.81 -6.48
C ARG A 31 7.49 -0.41 -6.61
N ALA A 32 7.51 0.04 -7.86
CA ALA A 32 8.05 1.35 -8.28
C ALA A 32 7.29 2.52 -7.64
N ALA A 33 5.95 2.48 -7.75
CA ALA A 33 5.04 3.47 -7.15
C ALA A 33 5.29 3.69 -5.65
N ALA A 34 5.39 2.60 -4.89
CA ALA A 34 5.65 2.64 -3.44
C ALA A 34 7.08 3.09 -3.08
N VAL A 35 8.07 2.55 -3.79
CA VAL A 35 9.50 2.96 -3.68
C VAL A 35 9.67 4.47 -3.95
N GLN A 36 9.09 4.93 -5.06
CA GLN A 36 9.09 6.34 -5.48
C GLN A 36 8.36 7.29 -4.52
N SER A 37 7.21 6.85 -4.03
CA SER A 37 6.51 7.55 -2.93
C SER A 37 7.43 7.77 -1.73
N ALA A 38 8.05 6.67 -1.27
CA ALA A 38 9.00 6.69 -0.14
C ALA A 38 10.23 7.58 -0.37
N THR A 39 10.72 7.63 -1.61
CA THR A 39 11.81 8.52 -2.05
C THR A 39 11.41 9.99 -1.86
N ASP A 40 10.30 10.38 -2.50
CA ASP A 40 9.72 11.74 -2.38
C ASP A 40 9.54 12.18 -0.92
N LEU A 41 8.99 11.26 -0.11
CA LEU A 41 8.66 11.50 1.30
C LEU A 41 9.86 11.62 2.26
N TYR A 42 10.80 10.68 2.15
CA TYR A 42 11.88 10.50 3.15
C TYR A 42 13.32 10.36 2.62
N GLY A 43 13.55 10.83 1.39
CA GLY A 43 14.86 10.68 0.72
C GLY A 43 15.01 9.30 0.06
N SER A 44 16.00 9.20 -0.82
CA SER A 44 16.26 7.96 -1.58
C SER A 44 16.94 6.78 -0.89
N THR A 45 18.10 7.03 -0.27
CA THR A 45 18.82 5.99 0.49
C THR A 45 18.27 6.03 1.93
N SER A 46 17.00 5.68 1.97
CA SER A 46 16.14 5.90 3.14
C SER A 46 15.68 4.54 3.67
N GLN A 47 15.56 4.44 4.98
CA GLN A 47 14.93 3.27 5.61
C GLN A 47 13.48 3.05 5.16
N GLU A 48 12.80 4.15 4.81
CA GLU A 48 11.43 4.09 4.29
C GLU A 48 11.36 3.33 2.96
N VAL A 49 12.33 3.61 2.10
CA VAL A 49 12.48 2.91 0.80
C VAL A 49 12.89 1.43 1.03
N ALA A 50 13.82 1.24 1.95
CA ALA A 50 14.30 -0.09 2.42
C ALA A 50 13.15 -0.99 2.90
N SER A 51 12.30 -0.45 3.78
CA SER A 51 11.13 -1.14 4.33
C SER A 51 10.05 -1.47 3.29
N VAL A 52 9.78 -0.51 2.40
CA VAL A 52 8.91 -0.72 1.23
C VAL A 52 9.43 -1.89 0.36
N LYS A 53 10.67 -1.77 -0.12
CA LYS A 53 11.30 -2.82 -0.97
C LYS A 53 11.18 -4.22 -0.35
N GLN A 54 11.61 -4.30 0.91
CA GLN A 54 11.53 -5.52 1.75
C GLN A 54 10.16 -6.23 1.72
N ALA A 55 9.09 -5.44 1.83
CA ALA A 55 7.70 -5.94 1.77
C ALA A 55 7.43 -6.72 0.47
N PHE A 56 7.71 -6.05 -0.65
CA PHE A 56 7.60 -6.61 -2.01
C PHE A 56 8.49 -7.83 -2.25
N ASP A 57 9.70 -7.75 -1.71
CA ASP A 57 10.72 -8.83 -1.79
C ASP A 57 10.29 -10.13 -1.10
N ALA A 58 9.71 -10.00 0.10
CA ALA A 58 9.14 -11.13 0.87
C ALA A 58 7.99 -11.84 0.12
N VAL A 59 7.08 -11.03 -0.39
CA VAL A 59 5.90 -11.45 -1.20
C VAL A 59 6.34 -12.26 -2.43
N GLY A 60 7.33 -11.70 -3.10
CA GLY A 60 7.89 -12.20 -4.37
C GLY A 60 8.63 -13.55 -4.27
N VAL A 61 8.91 -13.99 -3.06
CA VAL A 61 9.65 -15.24 -2.76
C VAL A 61 8.74 -16.35 -2.21
N LYS A 62 7.99 -16.01 -1.16
CA LYS A 62 7.11 -16.93 -0.38
C LYS A 62 7.83 -18.15 0.23
N VAL B 1 -10.14 13.22 2.76
CA VAL B 1 -8.92 12.37 2.73
C VAL B 1 -9.20 10.98 2.12
N VAL B 2 -8.49 10.70 1.04
CA VAL B 2 -8.73 9.51 0.19
C VAL B 2 -7.82 8.35 0.67
N GLY B 3 -8.13 7.97 1.90
CA GLY B 3 -7.39 6.98 2.71
C GLY B 3 -7.18 7.54 4.13
N ILE B 4 -8.24 7.49 4.92
CA ILE B 4 -8.37 7.91 6.35
C ILE B 4 -7.57 9.12 6.83
N GLY B 5 -6.31 8.82 7.12
CA GLY B 5 -5.28 9.77 7.59
C GLY B 5 -3.90 9.16 7.30
N ARG B 6 -3.59 9.18 6.01
CA ARG B 6 -2.38 8.62 5.35
C ARG B 6 -1.62 7.50 6.06
N ASP B 7 -0.82 7.86 7.05
CA ASP B 7 0.01 6.94 7.86
C ASP B 7 -0.77 5.75 8.47
N LYS B 8 -2.01 6.01 8.88
CA LYS B 8 -2.94 4.98 9.38
C LYS B 8 -3.27 3.83 8.41
N LEU B 9 -3.17 4.11 7.10
CA LEU B 9 -3.30 3.07 6.05
C LEU B 9 -2.26 1.94 6.15
N GLY B 10 -1.14 2.30 6.76
CA GLY B 10 0.06 1.48 7.00
C GLY B 10 -0.23 0.01 7.33
N LYS B 11 -0.97 -0.18 8.40
CA LYS B 11 -1.35 -1.51 8.91
C LYS B 11 -2.02 -2.37 7.83
N ILE B 12 -3.05 -1.79 7.23
CA ILE B 12 -3.86 -2.40 6.14
C ILE B 12 -2.95 -2.89 5.00
N PHE B 13 -2.22 -1.94 4.43
CA PHE B 13 -1.41 -2.17 3.22
C PHE B 13 -0.24 -3.14 3.40
N TYR B 14 0.43 -3.02 4.54
CA TYR B 14 1.52 -3.93 4.92
C TYR B 14 1.01 -5.38 4.98
N ARG B 15 -0.04 -5.60 5.77
CA ARG B 15 -0.76 -6.89 5.85
C ARG B 15 -1.23 -7.41 4.47
N ALA B 16 -1.86 -6.53 3.69
CA ALA B 16 -2.30 -6.81 2.30
C ALA B 16 -1.21 -7.42 1.43
N LEU B 17 0.00 -6.87 1.53
CA LEU B 17 1.20 -7.43 0.89
C LEU B 17 1.59 -8.81 1.43
N THR B 18 2.02 -8.85 2.68
CA THR B 18 2.70 -10.04 3.25
C THR B 18 1.85 -11.26 3.60
N GLN B 19 0.54 -11.07 3.62
CA GLN B 19 -0.43 -12.11 4.00
C GLN B 19 -1.41 -12.43 2.85
N TYR B 20 -1.82 -11.39 2.14
CA TYR B 20 -2.88 -11.52 1.11
C TYR B 20 -2.44 -11.43 -0.36
N LEU B 21 -1.22 -10.94 -0.62
CA LEU B 21 -0.75 -10.68 -1.99
C LEU B 21 0.15 -11.79 -2.54
N THR B 22 0.32 -11.74 -3.84
CA THR B 22 1.19 -12.68 -4.62
C THR B 22 2.29 -12.01 -5.42
N PRO B 23 3.36 -12.76 -5.66
CA PRO B 23 4.40 -12.36 -6.63
C PRO B 23 3.79 -11.97 -7.99
N THR B 24 2.85 -12.79 -8.48
CA THR B 24 2.13 -12.52 -9.75
C THR B 24 0.85 -11.70 -9.53
N SER B 25 1.02 -10.55 -8.89
CA SER B 25 -0.09 -9.63 -8.60
C SER B 25 -0.42 -8.61 -9.68
N ASN B 26 -1.72 -8.39 -9.75
CA ASN B 26 -2.35 -7.29 -10.49
C ASN B 26 -3.04 -6.30 -9.53
N PHE B 27 -3.62 -5.28 -10.15
CA PHE B 27 -4.33 -4.20 -9.43
C PHE B 27 -5.48 -4.75 -8.57
N SER B 28 -6.32 -5.62 -9.15
CA SER B 28 -7.46 -6.24 -8.45
C SER B 28 -7.10 -7.11 -7.24
N GLN B 29 -6.00 -7.85 -7.35
CA GLN B 29 -5.46 -8.68 -6.25
C GLN B 29 -5.15 -7.82 -5.02
N LEU B 30 -4.55 -6.65 -5.26
CA LEU B 30 -4.30 -5.63 -4.26
C LEU B 30 -5.57 -5.14 -3.58
N ARG B 31 -6.57 -4.83 -4.40
CA ARG B 31 -7.87 -4.27 -3.94
C ARG B 31 -8.48 -5.13 -2.82
N ALA B 32 -8.78 -6.37 -3.21
CA ALA B 32 -9.30 -7.44 -2.33
C ALA B 32 -8.45 -7.64 -1.07
N ALA B 33 -7.14 -7.75 -1.27
CA ALA B 33 -6.13 -7.89 -0.20
C ALA B 33 -6.21 -6.77 0.84
N ALA B 34 -6.30 -5.54 0.35
CA ALA B 34 -6.38 -4.31 1.16
C ALA B 34 -7.70 -4.19 1.94
N VAL B 35 -8.82 -4.45 1.27
CA VAL B 35 -10.16 -4.46 1.90
C VAL B 35 -10.25 -5.52 3.01
N GLN B 36 -9.82 -6.75 2.69
CA GLN B 36 -9.72 -7.86 3.66
C GLN B 36 -8.86 -7.51 4.89
N SER B 37 -7.72 -6.90 4.62
CA SER B 37 -6.80 -6.37 5.65
C SER B 37 -7.46 -5.39 6.62
N ALA B 38 -8.08 -4.35 6.05
CA ALA B 38 -8.88 -3.37 6.80
C ALA B 38 -10.01 -4.00 7.63
N THR B 39 -10.80 -4.86 6.99
CA THR B 39 -11.90 -5.63 7.62
C THR B 39 -11.41 -6.37 8.89
N ASP B 40 -10.28 -7.07 8.76
CA ASP B 40 -9.61 -7.80 9.87
C ASP B 40 -9.02 -6.92 11.00
N LEU B 41 -8.36 -5.83 10.60
CA LEU B 41 -7.70 -4.92 11.55
C LEU B 41 -8.59 -3.94 12.34
N TYR B 42 -9.60 -3.39 11.67
CA TYR B 42 -10.44 -2.32 12.27
C TYR B 42 -11.95 -2.60 12.33
N GLY B 43 -12.35 -3.82 11.95
CA GLY B 43 -13.76 -4.18 11.77
C GLY B 43 -14.33 -3.57 10.48
N SER B 44 -15.37 -4.20 9.96
CA SER B 44 -15.98 -3.74 8.70
C SER B 44 -17.07 -2.66 8.78
N THR B 45 -17.52 -2.39 10.00
CA THR B 45 -18.41 -1.25 10.32
C THR B 45 -17.64 0.09 10.39
N SER B 46 -16.47 0.10 9.75
CA SER B 46 -15.51 1.21 9.83
C SER B 46 -15.32 1.91 8.49
N GLN B 47 -15.18 3.23 8.59
CA GLN B 47 -14.76 4.10 7.49
C GLN B 47 -13.34 3.76 6.99
N GLU B 48 -12.58 3.05 7.84
CA GLU B 48 -11.24 2.54 7.51
C GLU B 48 -11.25 1.62 6.29
N VAL B 49 -12.25 0.74 6.21
CA VAL B 49 -12.50 -0.09 5.01
C VAL B 49 -12.90 0.78 3.79
N ALA B 50 -13.85 1.68 3.99
CA ALA B 50 -14.31 2.66 2.97
C ALA B 50 -13.18 3.50 2.37
N SER B 51 -12.26 3.94 3.23
CA SER B 51 -11.03 4.67 2.88
C SER B 51 -10.03 3.88 2.04
N VAL B 52 -9.85 2.60 2.40
CA VAL B 52 -9.05 1.63 1.61
C VAL B 52 -9.59 1.54 0.17
N LYS B 53 -10.90 1.33 0.08
CA LYS B 53 -11.68 1.36 -1.18
C LYS B 53 -11.50 2.66 -1.97
N GLN B 54 -11.66 3.80 -1.29
CA GLN B 54 -11.46 5.15 -1.87
C GLN B 54 -10.10 5.37 -2.55
N ALA B 55 -9.03 4.80 -1.99
CA ALA B 55 -7.68 4.85 -2.58
C ALA B 55 -7.64 4.36 -4.04
N PHE B 56 -8.31 3.23 -4.26
CA PHE B 56 -8.39 2.51 -5.55
C PHE B 56 -9.13 3.30 -6.66
N ASP B 57 -10.14 4.04 -6.23
CA ASP B 57 -10.90 4.99 -7.06
C ASP B 57 -9.99 5.99 -7.81
N ALA B 58 -9.12 6.66 -7.05
CA ALA B 58 -8.39 7.84 -7.58
C ALA B 58 -7.00 7.53 -8.14
N VAL B 59 -6.90 6.34 -8.70
CA VAL B 59 -5.65 5.80 -9.27
C VAL B 59 -5.48 6.27 -10.71
N GLY B 60 -4.73 7.37 -10.82
CA GLY B 60 -4.42 8.02 -12.10
C GLY B 60 -5.49 9.07 -12.44
N VAL B 61 -6.74 8.70 -12.19
CA VAL B 61 -7.89 9.62 -12.15
C VAL B 61 -7.97 10.32 -10.79
N LYS B 62 -7.06 11.27 -10.64
CA LYS B 62 -6.82 12.01 -9.38
C LYS B 62 -8.06 12.80 -8.92
N VAL A 1 15.94 0.16 10.42
CA VAL A 1 14.71 -0.55 10.84
C VAL A 1 13.95 -1.17 9.64
N VAL A 2 14.01 -2.49 9.66
CA VAL A 2 13.28 -3.36 8.73
C VAL A 2 11.82 -3.51 9.22
N GLY A 3 10.91 -3.41 8.25
CA GLY A 3 9.45 -3.38 8.50
C GLY A 3 8.97 -1.99 8.92
N ILE A 4 8.74 -1.12 7.93
CA ILE A 4 8.13 0.22 8.16
C ILE A 4 6.79 0.20 8.92
N GLY A 5 5.99 -0.77 8.53
CA GLY A 5 4.79 -1.26 9.25
C GLY A 5 3.54 -0.39 9.05
N ARG A 6 3.68 0.84 9.53
CA ARG A 6 2.55 1.78 9.68
C ARG A 6 2.80 3.25 9.25
N ASP A 7 3.23 4.11 10.18
CA ASP A 7 3.29 5.58 10.01
C ASP A 7 4.02 6.05 8.74
N LYS A 8 5.22 5.51 8.51
CA LYS A 8 6.01 5.82 7.30
C LYS A 8 5.40 5.27 6.00
N LEU A 9 4.86 4.06 6.08
CA LEU A 9 4.26 3.32 4.94
C LEU A 9 3.02 4.01 4.34
N GLY A 10 2.18 4.58 5.21
CA GLY A 10 0.91 5.21 4.82
C GLY A 10 1.06 6.24 3.69
N LYS A 11 1.99 7.18 3.91
CA LYS A 11 2.37 8.21 2.93
C LYS A 11 2.70 7.61 1.55
N ILE A 12 3.65 6.68 1.56
CA ILE A 12 4.15 5.96 0.36
C ILE A 12 2.97 5.39 -0.45
N PHE A 13 2.27 4.43 0.17
CA PHE A 13 1.24 3.66 -0.54
C PHE A 13 -0.02 4.40 -0.98
N TYR A 14 -0.39 5.45 -0.24
CA TYR A 14 -1.49 6.33 -0.69
C TYR A 14 -1.06 7.10 -1.95
N ARG A 15 0.08 7.79 -1.87
CA ARG A 15 0.67 8.57 -2.99
C ARG A 15 0.95 7.72 -4.24
N ALA A 16 1.54 6.54 -4.00
CA ALA A 16 1.78 5.49 -5.02
C ALA A 16 0.53 5.18 -5.85
N LEU A 17 -0.58 4.91 -5.17
CA LEU A 17 -1.87 4.62 -5.81
C LEU A 17 -2.43 5.79 -6.63
N THR A 18 -2.67 6.91 -5.96
CA THR A 18 -3.38 8.07 -6.54
C THR A 18 -2.64 8.79 -7.68
N GLN A 19 -1.33 8.92 -7.52
CA GLN A 19 -0.46 9.74 -8.39
C GLN A 19 0.41 8.95 -9.37
N TYR A 20 0.98 7.83 -8.92
CA TYR A 20 1.97 7.07 -9.72
C TYR A 20 1.41 5.81 -10.41
N LEU A 21 0.20 5.44 -10.04
CA LEU A 21 -0.39 4.15 -10.45
C LEU A 21 -1.50 4.36 -11.48
N THR A 22 -1.70 3.28 -12.22
CA THR A 22 -2.77 3.17 -13.23
C THR A 22 -3.92 2.31 -12.72
N PRO A 23 -5.12 2.54 -13.26
CA PRO A 23 -6.23 1.58 -13.21
C PRO A 23 -5.83 0.14 -13.56
N THR A 24 -5.06 -0.02 -14.64
CA THR A 24 -4.65 -1.33 -15.18
C THR A 24 -3.27 -1.82 -14.68
N SER A 25 -3.03 -1.56 -13.39
CA SER A 25 -1.73 -1.85 -12.73
C SER A 25 -1.34 -3.31 -12.55
N ASN A 26 -0.03 -3.48 -12.43
CA ASN A 26 0.61 -4.76 -12.10
C ASN A 26 1.50 -4.54 -10.86
N PHE A 27 1.97 -5.65 -10.33
CA PHE A 27 2.86 -5.70 -9.17
C PHE A 27 4.15 -4.88 -9.42
N SER A 28 4.68 -5.03 -10.63
CA SER A 28 5.80 -4.24 -11.20
C SER A 28 5.58 -2.71 -11.17
N GLN A 29 4.41 -2.30 -11.66
CA GLN A 29 3.96 -0.89 -11.61
C GLN A 29 3.90 -0.34 -10.18
N LEU A 30 3.37 -1.15 -9.25
CA LEU A 30 3.30 -0.83 -7.83
C LEU A 30 4.69 -0.60 -7.22
N ARG A 31 5.61 -1.52 -7.52
CA ARG A 31 7.01 -1.48 -7.04
C ARG A 31 7.72 -0.14 -7.36
N ALA A 32 7.78 0.18 -8.64
CA ALA A 32 8.36 1.46 -9.14
C ALA A 32 7.64 2.70 -8.59
N ALA A 33 6.31 2.63 -8.57
CA ALA A 33 5.43 3.68 -8.02
C ALA A 33 5.69 3.97 -6.53
N ALA A 34 5.72 2.91 -5.72
CA ALA A 34 5.97 2.99 -4.26
C ALA A 34 7.39 3.45 -3.91
N VAL A 35 8.38 2.96 -4.68
CA VAL A 35 9.78 3.40 -4.56
C VAL A 35 9.92 4.90 -4.89
N GLN A 36 9.23 5.37 -5.93
CA GLN A 36 9.18 6.82 -6.30
C GLN A 36 8.58 7.66 -5.16
N SER A 37 7.41 7.22 -4.67
CA SER A 37 6.71 7.82 -3.52
C SER A 37 7.61 7.99 -2.28
N ALA A 38 8.23 6.89 -1.86
CA ALA A 38 9.19 6.82 -0.73
C ALA A 38 10.46 7.67 -0.90
N THR A 39 10.90 7.82 -2.15
CA THR A 39 12.01 8.72 -2.55
C THR A 39 11.53 10.16 -2.32
N ASP A 40 10.38 10.51 -2.88
CA ASP A 40 9.77 11.85 -2.71
C ASP A 40 9.52 12.23 -1.23
N LEU A 41 8.95 11.30 -0.47
CA LEU A 41 8.55 11.51 0.93
C LEU A 41 9.63 11.36 2.00
N TYR A 42 10.90 11.39 1.58
CA TYR A 42 12.05 11.30 2.50
C TYR A 42 13.40 11.77 1.92
N GLY A 43 13.61 11.53 0.62
CA GLY A 43 14.88 11.78 -0.10
C GLY A 43 15.57 10.44 -0.33
N SER A 44 16.20 10.28 -1.50
CA SER A 44 16.78 9.00 -2.00
C SER A 44 17.61 8.16 -1.02
N THR A 45 18.29 8.81 -0.08
CA THR A 45 18.83 8.17 1.14
C THR A 45 17.68 7.79 2.10
N SER A 46 16.77 6.99 1.57
CA SER A 46 15.45 6.73 2.18
C SER A 46 15.32 5.31 2.72
N GLN A 47 15.21 5.24 4.04
CA GLN A 47 14.80 4.03 4.76
C GLN A 47 13.41 3.54 4.33
N GLU A 48 12.50 4.48 4.04
CA GLU A 48 11.22 4.17 3.38
C GLU A 48 11.40 3.35 2.08
N VAL A 49 12.32 3.77 1.21
CA VAL A 49 12.67 3.05 -0.06
C VAL A 49 13.16 1.62 0.23
N ALA A 50 14.06 1.51 1.20
CA ALA A 50 14.65 0.23 1.66
C ALA A 50 13.57 -0.76 2.13
N SER A 51 12.72 -0.28 3.02
CA SER A 51 11.62 -1.08 3.57
C SER A 51 10.45 -1.31 2.57
N VAL A 52 10.28 -0.40 1.61
CA VAL A 52 9.42 -0.60 0.43
C VAL A 52 9.88 -1.80 -0.44
N LYS A 53 11.14 -1.80 -0.89
CA LYS A 53 11.71 -2.92 -1.68
C LYS A 53 11.51 -4.29 -0.98
N GLN A 54 11.90 -4.27 0.29
CA GLN A 54 11.72 -5.35 1.28
C GLN A 54 10.28 -5.91 1.34
N ALA A 55 9.27 -5.05 1.32
CA ALA A 55 7.85 -5.49 1.28
C ALA A 55 7.57 -6.41 0.08
N PHE A 56 8.04 -5.96 -1.09
CA PHE A 56 7.90 -6.70 -2.38
C PHE A 56 8.59 -8.06 -2.38
N ASP A 57 9.78 -8.09 -1.76
CA ASP A 57 10.57 -9.31 -1.50
C ASP A 57 9.89 -10.34 -0.57
N ALA A 58 8.93 -9.89 0.23
CA ALA A 58 8.18 -10.73 1.16
C ALA A 58 6.76 -11.11 0.68
N VAL A 59 6.50 -10.94 -0.61
CA VAL A 59 5.15 -11.23 -1.17
C VAL A 59 5.02 -12.72 -1.51
N GLY A 60 4.56 -13.37 -0.45
CA GLY A 60 4.36 -14.82 -0.33
C GLY A 60 4.68 -15.37 1.09
N VAL A 61 4.99 -14.50 2.05
CA VAL A 61 5.34 -14.92 3.42
C VAL A 61 4.14 -14.64 4.35
N LYS A 62 3.21 -15.58 4.29
CA LYS A 62 1.89 -15.46 4.94
C LYS A 62 1.86 -15.79 6.45
N VAL B 1 -7.51 7.87 2.76
CA VAL B 1 -7.05 8.01 4.17
C VAL B 1 -7.99 8.71 5.16
N VAL B 2 -9.24 8.89 4.73
CA VAL B 2 -10.30 9.67 5.43
C VAL B 2 -10.46 9.20 6.89
N GLY B 3 -10.01 10.07 7.78
CA GLY B 3 -10.15 9.90 9.24
C GLY B 3 -9.07 8.99 9.86
N ILE B 4 -8.89 7.81 9.27
CA ILE B 4 -7.98 6.76 9.78
C ILE B 4 -6.51 7.16 9.81
N GLY B 5 -6.13 7.94 8.80
CA GLY B 5 -4.78 8.51 8.67
C GLY B 5 -3.77 7.46 8.22
N ARG B 6 -2.78 8.01 7.53
CA ARG B 6 -1.53 7.32 7.12
C ARG B 6 -1.04 6.15 8.00
N ASP B 7 -1.20 6.28 9.32
CA ASP B 7 -0.86 5.21 10.29
C ASP B 7 -1.62 3.89 10.01
N LYS B 8 -2.95 3.96 9.90
CA LYS B 8 -3.79 2.78 9.64
C LYS B 8 -3.67 2.24 8.21
N LEU B 9 -3.59 3.15 7.23
CA LEU B 9 -3.32 2.83 5.81
C LEU B 9 -2.10 1.89 5.65
N GLY B 10 -1.08 2.21 6.45
CA GLY B 10 0.18 1.46 6.56
C GLY B 10 0.00 -0.02 6.93
N LYS B 11 -0.68 -0.25 8.05
CA LYS B 11 -1.01 -1.60 8.55
C LYS B 11 -1.69 -2.49 7.51
N ILE B 12 -2.70 -1.91 6.86
CA ILE B 12 -3.50 -2.56 5.80
C ILE B 12 -2.58 -3.01 4.66
N PHE B 13 -1.85 -2.05 4.10
CA PHE B 13 -0.92 -2.30 3.00
C PHE B 13 0.24 -3.25 3.27
N TYR B 14 0.86 -3.12 4.45
CA TYR B 14 1.94 -4.04 4.88
C TYR B 14 1.44 -5.50 4.92
N ARG B 15 0.33 -5.71 5.63
CA ARG B 15 -0.35 -7.01 5.71
C ARG B 15 -0.80 -7.53 4.32
N ALA B 16 -1.41 -6.65 3.52
CA ALA B 16 -1.81 -6.94 2.13
C ALA B 16 -0.68 -7.53 1.29
N LEU B 17 0.49 -6.90 1.31
CA LEU B 17 1.71 -7.40 0.62
C LEU B 17 2.25 -8.74 1.12
N THR B 18 2.48 -8.85 2.42
CA THR B 18 3.12 -10.05 3.01
C THR B 18 2.21 -11.29 3.07
N GLN B 19 0.94 -11.03 3.39
CA GLN B 19 -0.04 -12.06 3.76
C GLN B 19 -1.16 -12.37 2.76
N TYR B 20 -1.55 -11.39 1.94
CA TYR B 20 -2.71 -11.53 1.02
C TYR B 20 -2.40 -11.59 -0.48
N LEU B 21 -1.37 -10.85 -0.88
CA LEU B 21 -0.96 -10.66 -2.28
C LEU B 21 -0.09 -11.81 -2.78
N THR B 22 -0.23 -12.08 -4.08
CA THR B 22 0.67 -13.01 -4.80
C THR B 22 1.88 -12.28 -5.36
N PRO B 23 3.00 -13.00 -5.52
CA PRO B 23 4.19 -12.52 -6.26
C PRO B 23 3.81 -11.72 -7.51
N THR B 24 3.09 -12.39 -8.41
CA THR B 24 2.71 -11.84 -9.74
C THR B 24 1.30 -11.21 -9.73
N SER B 25 1.23 -10.09 -9.03
CA SER B 25 -0.04 -9.36 -8.80
C SER B 25 -0.46 -8.34 -9.86
N ASN B 26 -1.74 -8.01 -9.81
CA ASN B 26 -2.31 -6.86 -10.56
C ASN B 26 -3.09 -5.93 -9.62
N PHE B 27 -3.53 -4.82 -10.18
CA PHE B 27 -4.33 -3.78 -9.50
C PHE B 27 -5.55 -4.40 -8.76
N SER B 28 -6.33 -5.22 -9.47
CA SER B 28 -7.47 -5.97 -8.90
C SER B 28 -7.14 -6.88 -7.70
N GLN B 29 -5.91 -7.42 -7.66
CA GLN B 29 -5.40 -8.17 -6.49
C GLN B 29 -5.18 -7.30 -5.25
N LEU B 30 -4.49 -6.17 -5.45
CA LEU B 30 -4.28 -5.13 -4.43
C LEU B 30 -5.60 -4.65 -3.85
N ARG B 31 -6.59 -4.53 -4.73
CA ARG B 31 -7.99 -4.22 -4.36
C ARG B 31 -8.54 -5.22 -3.33
N ALA B 32 -8.41 -6.51 -3.62
CA ALA B 32 -8.81 -7.60 -2.70
C ALA B 32 -7.99 -7.61 -1.40
N ALA B 33 -6.67 -7.66 -1.58
CA ALA B 33 -5.65 -7.73 -0.52
C ALA B 33 -5.79 -6.63 0.55
N ALA B 34 -5.95 -5.39 0.09
CA ALA B 34 -6.13 -4.21 0.95
C ALA B 34 -7.48 -4.16 1.67
N VAL B 35 -8.57 -4.43 0.96
CA VAL B 35 -9.91 -4.51 1.58
C VAL B 35 -9.97 -5.62 2.66
N GLN B 36 -9.35 -6.76 2.37
CA GLN B 36 -9.25 -7.92 3.29
C GLN B 36 -8.39 -7.75 4.54
N SER B 37 -7.33 -6.96 4.43
CA SER B 37 -6.53 -6.55 5.60
C SER B 37 -7.23 -5.46 6.42
N ALA B 38 -7.86 -4.51 5.73
CA ALA B 38 -8.73 -3.50 6.35
C ALA B 38 -9.91 -4.11 7.14
N THR B 39 -10.57 -5.11 6.55
CA THR B 39 -11.65 -5.86 7.22
C THR B 39 -11.14 -6.66 8.42
N ASP B 40 -10.15 -7.50 8.16
CA ASP B 40 -9.54 -8.36 9.19
C ASP B 40 -8.98 -7.60 10.40
N LEU B 41 -8.35 -6.46 10.15
CA LEU B 41 -7.92 -5.54 11.24
C LEU B 41 -9.12 -4.95 11.96
N TYR B 42 -9.98 -4.26 11.22
CA TYR B 42 -11.16 -3.56 11.78
C TYR B 42 -12.42 -3.69 10.92
N GLY B 43 -13.13 -4.76 11.25
CA GLY B 43 -14.54 -5.04 10.87
C GLY B 43 -15.11 -4.17 9.75
N SER B 44 -15.59 -4.87 8.72
CA SER B 44 -16.02 -4.31 7.42
C SER B 44 -16.82 -3.01 7.33
N THR B 45 -17.74 -2.86 8.27
CA THR B 45 -18.45 -1.60 8.53
C THR B 45 -17.51 -0.55 9.17
N SER B 46 -16.40 -0.30 8.50
CA SER B 46 -15.35 0.59 9.00
C SER B 46 -14.83 1.61 7.98
N GLN B 47 -14.35 2.72 8.51
CA GLN B 47 -13.63 3.73 7.72
C GLN B 47 -12.20 3.28 7.32
N GLU B 48 -11.80 2.10 7.78
CA GLU B 48 -10.56 1.45 7.30
C GLU B 48 -10.80 0.99 5.86
N VAL B 49 -11.85 0.19 5.71
CA VAL B 49 -12.36 -0.29 4.41
C VAL B 49 -12.82 0.89 3.52
N ALA B 50 -13.60 1.82 4.08
CA ALA B 50 -14.05 3.00 3.31
C ALA B 50 -12.90 3.84 2.74
N SER B 51 -11.84 4.03 3.54
CA SER B 51 -10.62 4.72 3.08
C SER B 51 -9.74 3.91 2.11
N VAL B 52 -9.78 2.58 2.20
CA VAL B 52 -9.11 1.67 1.23
C VAL B 52 -9.75 1.80 -0.16
N LYS B 53 -11.07 1.63 -0.24
CA LYS B 53 -11.86 1.81 -1.46
C LYS B 53 -11.55 3.13 -2.19
N GLN B 54 -11.63 4.23 -1.42
CA GLN B 54 -11.38 5.61 -1.88
C GLN B 54 -10.01 5.84 -2.55
N ALA B 55 -8.99 5.15 -2.04
CA ALA B 55 -7.65 5.09 -2.63
C ALA B 55 -7.70 4.60 -4.09
N PHE B 56 -8.32 3.43 -4.28
CA PHE B 56 -8.51 2.79 -5.60
C PHE B 56 -9.41 3.61 -6.54
N ASP B 57 -10.43 4.25 -5.96
CA ASP B 57 -11.39 5.11 -6.68
C ASP B 57 -10.76 6.35 -7.37
N ALA B 58 -9.62 6.82 -6.86
CA ALA B 58 -8.94 8.00 -7.42
C ALA B 58 -7.49 7.73 -7.91
N VAL B 59 -7.32 6.55 -8.49
CA VAL B 59 -6.01 6.12 -9.06
C VAL B 59 -5.90 6.63 -10.50
N GLY B 60 -5.22 7.78 -10.58
CA GLY B 60 -4.96 8.50 -11.84
C GLY B 60 -6.13 9.41 -12.21
N VAL B 61 -7.33 8.88 -11.99
CA VAL B 61 -8.64 9.54 -12.19
C VAL B 61 -9.11 10.42 -11.02
N LYS B 62 -8.14 10.99 -10.31
CA LYS B 62 -8.45 11.86 -9.16
C LYS B 62 -8.95 13.26 -9.56
N VAL A 1 9.29 -9.43 7.43
CA VAL A 1 8.89 -8.11 7.96
C VAL A 1 9.39 -6.89 7.14
N VAL A 2 8.61 -5.83 7.27
CA VAL A 2 8.83 -4.58 6.51
C VAL A 2 9.33 -3.57 7.55
N GLY A 3 10.66 -3.47 7.56
CA GLY A 3 11.49 -2.87 8.61
C GLY A 3 11.04 -1.53 9.17
N ILE A 4 10.54 -0.66 8.28
CA ILE A 4 10.13 0.72 8.63
C ILE A 4 9.05 0.90 9.70
N GLY A 5 8.14 -0.05 9.77
CA GLY A 5 7.12 -0.12 10.84
C GLY A 5 5.78 0.48 10.40
N ARG A 6 4.86 -0.45 10.18
CA ARG A 6 3.46 -0.23 9.76
C ARG A 6 3.03 1.17 9.29
N ASP A 7 2.79 2.11 10.21
CA ASP A 7 2.20 3.43 9.89
C ASP A 7 2.93 4.26 8.83
N LYS A 8 4.26 4.21 8.81
CA LYS A 8 5.08 4.94 7.80
C LYS A 8 4.83 4.52 6.33
N LEU A 9 4.66 3.21 6.15
CA LEU A 9 4.25 2.58 4.88
C LEU A 9 2.96 3.19 4.30
N GLY A 10 2.13 3.76 5.17
CA GLY A 10 0.84 4.40 4.86
C GLY A 10 0.89 5.65 3.98
N LYS A 11 1.84 6.54 4.28
CA LYS A 11 2.09 7.74 3.47
C LYS A 11 2.50 7.35 2.04
N ILE A 12 3.46 6.44 1.99
CA ILE A 12 4.05 5.86 0.77
C ILE A 12 2.94 5.29 -0.14
N PHE A 13 2.16 4.37 0.43
CA PHE A 13 1.16 3.62 -0.32
C PHE A 13 -0.11 4.34 -0.78
N TYR A 14 -0.69 5.19 0.08
CA TYR A 14 -1.79 6.06 -0.35
C TYR A 14 -1.37 6.99 -1.51
N ARG A 15 -0.14 7.50 -1.46
CA ARG A 15 0.44 8.34 -2.53
C ARG A 15 0.74 7.54 -3.81
N ALA A 16 1.31 6.34 -3.65
CA ALA A 16 1.57 5.38 -4.76
C ALA A 16 0.36 5.14 -5.66
N LEU A 17 -0.75 4.78 -5.04
CA LEU A 17 -2.04 4.61 -5.74
C LEU A 17 -2.54 5.90 -6.41
N THR A 18 -2.76 6.93 -5.59
CA THR A 18 -3.41 8.18 -6.03
C THR A 18 -2.66 8.98 -7.10
N GLN A 19 -1.35 9.12 -6.90
CA GLN A 19 -0.48 9.95 -7.76
C GLN A 19 0.27 9.17 -8.85
N TYR A 20 0.96 8.09 -8.46
CA TYR A 20 1.98 7.45 -9.33
C TYR A 20 1.48 6.28 -10.19
N LEU A 21 0.30 5.76 -9.86
CA LEU A 21 -0.20 4.51 -10.44
C LEU A 21 -1.35 4.76 -11.41
N THR A 22 -1.34 3.96 -12.46
CA THR A 22 -2.47 3.82 -13.39
C THR A 22 -3.50 2.84 -12.82
N PRO A 23 -4.79 3.09 -13.08
CA PRO A 23 -5.88 2.16 -12.76
C PRO A 23 -5.55 0.70 -13.13
N THR A 24 -5.21 0.47 -14.39
CA THR A 24 -4.69 -0.83 -14.86
C THR A 24 -3.20 -1.01 -14.48
N SER A 25 -3.07 -1.55 -13.27
CA SER A 25 -1.77 -1.92 -12.68
C SER A 25 -1.52 -3.38 -12.33
N ASN A 26 -0.23 -3.67 -12.44
CA ASN A 26 0.41 -4.91 -11.95
C ASN A 26 1.32 -4.63 -10.74
N PHE A 27 1.80 -5.72 -10.16
CA PHE A 27 2.67 -5.75 -8.98
C PHE A 27 3.95 -4.90 -9.22
N SER A 28 4.59 -5.14 -10.37
CA SER A 28 5.73 -4.36 -10.92
C SER A 28 5.52 -2.84 -10.98
N GLN A 29 4.31 -2.43 -11.40
CA GLN A 29 3.91 -1.00 -11.43
C GLN A 29 3.74 -0.40 -10.03
N LEU A 30 3.15 -1.19 -9.12
CA LEU A 30 2.99 -0.84 -7.71
C LEU A 30 4.36 -0.65 -7.04
N ARG A 31 5.25 -1.59 -7.32
CA ARG A 31 6.66 -1.56 -6.90
C ARG A 31 7.33 -0.22 -7.22
N ALA A 32 7.19 0.21 -8.48
CA ALA A 32 7.71 1.52 -8.94
C ALA A 32 7.05 2.70 -8.20
N ALA A 33 5.71 2.70 -8.22
CA ALA A 33 4.88 3.74 -7.58
C ALA A 33 5.24 3.99 -6.11
N ALA A 34 5.39 2.89 -5.38
CA ALA A 34 5.73 2.87 -3.95
C ALA A 34 7.13 3.42 -3.63
N VAL A 35 8.15 2.98 -4.39
CA VAL A 35 9.51 3.53 -4.24
C VAL A 35 9.62 5.02 -4.57
N GLN A 36 8.91 5.44 -5.62
CA GLN A 36 8.72 6.86 -5.98
C GLN A 36 8.08 7.70 -4.86
N SER A 37 7.00 7.20 -4.29
CA SER A 37 6.33 7.84 -3.13
C SER A 37 7.30 8.01 -1.95
N ALA A 38 7.93 6.91 -1.58
CA ALA A 38 8.97 6.89 -0.52
C ALA A 38 10.17 7.82 -0.79
N THR A 39 10.52 7.97 -2.06
CA THR A 39 11.58 8.89 -2.56
C THR A 39 11.23 10.37 -2.39
N ASP A 40 10.04 10.73 -2.86
CA ASP A 40 9.47 12.09 -2.68
C ASP A 40 9.36 12.46 -1.19
N LEU A 41 8.59 11.63 -0.49
CA LEU A 41 8.20 11.86 0.92
C LEU A 41 9.36 11.88 1.91
N TYR A 42 10.28 10.92 1.77
CA TYR A 42 11.39 10.76 2.72
C TYR A 42 12.80 10.84 2.11
N GLY A 43 12.94 11.70 1.08
CA GLY A 43 14.23 12.11 0.50
C GLY A 43 15.09 10.95 -0.01
N SER A 44 14.92 10.67 -1.29
CA SER A 44 15.49 9.55 -2.09
C SER A 44 16.56 8.59 -1.56
N THR A 45 17.67 9.11 -1.02
CA THR A 45 18.69 8.33 -0.28
C THR A 45 18.13 7.78 1.04
N SER A 46 17.05 7.02 0.88
CA SER A 46 16.10 6.72 1.95
C SER A 46 16.02 5.21 2.25
N GLN A 47 16.23 4.88 3.52
CA GLN A 47 15.91 3.53 4.04
C GLN A 47 14.43 3.15 3.98
N GLU A 48 13.54 4.14 3.91
CA GLU A 48 12.11 3.94 3.58
C GLU A 48 11.94 3.25 2.22
N VAL A 49 12.59 3.78 1.19
CA VAL A 49 12.63 3.20 -0.18
C VAL A 49 13.15 1.75 -0.15
N ALA A 50 14.20 1.56 0.65
CA ALA A 50 14.80 0.24 0.96
C ALA A 50 13.78 -0.78 1.49
N SER A 51 13.04 -0.38 2.52
CA SER A 51 12.01 -1.22 3.17
C SER A 51 10.75 -1.44 2.32
N VAL A 52 10.48 -0.52 1.40
CA VAL A 52 9.39 -0.63 0.41
C VAL A 52 9.66 -1.78 -0.58
N LYS A 53 10.90 -1.83 -1.10
CA LYS A 53 11.41 -2.97 -1.88
C LYS A 53 11.32 -4.31 -1.10
N GLN A 54 11.75 -4.27 0.17
CA GLN A 54 11.65 -5.38 1.14
C GLN A 54 10.21 -5.90 1.36
N ALA A 55 9.22 -5.04 1.18
CA ALA A 55 7.79 -5.43 1.19
C ALA A 55 7.46 -6.37 0.03
N PHE A 56 7.84 -5.93 -1.18
CA PHE A 56 7.65 -6.68 -2.44
C PHE A 56 8.38 -8.03 -2.49
N ASP A 57 9.51 -8.08 -1.78
CA ASP A 57 10.34 -9.29 -1.64
C ASP A 57 9.79 -10.35 -0.67
N ALA A 58 9.04 -9.92 0.35
CA ALA A 58 8.45 -10.81 1.38
C ALA A 58 7.16 -11.53 0.95
N VAL A 59 6.62 -11.10 -0.17
CA VAL A 59 5.28 -11.45 -0.70
C VAL A 59 5.18 -12.94 -1.09
N GLY A 60 4.52 -13.66 -0.19
CA GLY A 60 4.28 -15.12 -0.31
C GLY A 60 5.41 -15.93 0.33
N VAL A 61 6.61 -15.37 0.25
CA VAL A 61 7.85 -15.83 0.92
C VAL A 61 7.61 -15.94 2.44
N LYS A 62 7.11 -14.84 2.99
CA LYS A 62 6.63 -14.72 4.38
C LYS A 62 5.69 -13.51 4.60
N VAL B 1 -9.29 9.50 0.88
CA VAL B 1 -8.85 10.16 2.15
C VAL B 1 -9.84 10.06 3.34
N VAL B 2 -11.13 10.11 3.05
CA VAL B 2 -12.21 10.20 4.05
C VAL B 2 -12.33 8.86 4.81
N GLY B 3 -11.70 8.89 5.98
CA GLY B 3 -11.51 7.75 6.87
C GLY B 3 -10.20 7.89 7.65
N ILE B 4 -9.11 7.54 6.98
CA ILE B 4 -7.74 7.57 7.59
C ILE B 4 -6.66 8.33 6.81
N GLY B 5 -6.85 8.34 5.50
CA GLY B 5 -5.95 8.90 4.47
C GLY B 5 -4.69 8.05 4.38
N ARG B 6 -3.76 8.61 5.12
CA ARG B 6 -2.33 8.26 5.03
C ARG B 6 -1.75 7.42 6.18
N ASP B 7 -1.72 7.94 7.40
CA ASP B 7 -0.96 7.28 8.51
C ASP B 7 -1.34 5.82 8.79
N LYS B 8 -2.64 5.61 9.03
CA LYS B 8 -3.19 4.31 9.44
C LYS B 8 -3.30 3.27 8.31
N LEU B 9 -3.27 3.75 7.06
CA LEU B 9 -3.16 2.90 5.86
C LEU B 9 -1.97 1.92 5.90
N GLY B 10 -0.90 2.34 6.56
CA GLY B 10 0.34 1.57 6.77
C GLY B 10 0.14 0.15 7.30
N LYS B 11 -0.66 0.07 8.35
CA LYS B 11 -1.06 -1.18 9.02
C LYS B 11 -1.62 -2.21 8.02
N ILE B 12 -2.47 -1.71 7.14
CA ILE B 12 -3.27 -2.49 6.17
C ILE B 12 -2.38 -3.08 5.06
N PHE B 13 -1.68 -2.20 4.35
CA PHE B 13 -0.88 -2.58 3.17
C PHE B 13 0.29 -3.54 3.42
N TYR B 14 0.87 -3.45 4.62
CA TYR B 14 1.85 -4.43 5.14
C TYR B 14 1.28 -5.86 5.16
N ARG B 15 0.10 -5.99 5.77
CA ARG B 15 -0.63 -7.27 5.89
C ARG B 15 -1.07 -7.82 4.52
N ALA B 16 -1.60 -6.90 3.70
CA ALA B 16 -1.93 -7.15 2.29
C ALA B 16 -0.78 -7.78 1.47
N LEU B 17 0.36 -7.08 1.42
CA LEU B 17 1.58 -7.56 0.73
C LEU B 17 2.14 -8.90 1.26
N THR B 18 2.35 -8.97 2.58
CA THR B 18 3.03 -10.12 3.23
C THR B 18 2.37 -11.50 3.03
N GLN B 19 1.08 -11.57 3.34
CA GLN B 19 0.32 -12.83 3.31
C GLN B 19 -0.76 -12.97 2.22
N TYR B 20 -1.50 -11.89 1.95
CA TYR B 20 -2.66 -11.91 1.02
C TYR B 20 -2.32 -11.76 -0.46
N LEU B 21 -1.07 -11.38 -0.74
CA LEU B 21 -0.64 -11.07 -2.12
C LEU B 21 0.34 -12.10 -2.67
N THR B 22 0.14 -12.39 -3.96
CA THR B 22 1.08 -13.22 -4.75
C THR B 22 2.24 -12.38 -5.29
N PRO B 23 3.43 -13.01 -5.43
CA PRO B 23 4.60 -12.39 -6.08
C PRO B 23 4.26 -11.69 -7.40
N THR B 24 3.51 -12.39 -8.25
CA THR B 24 3.09 -11.90 -9.58
C THR B 24 1.65 -11.36 -9.60
N SER B 25 1.40 -10.41 -8.70
CA SER B 25 0.08 -9.75 -8.56
C SER B 25 -0.29 -8.68 -9.59
N ASN B 26 -1.59 -8.43 -9.62
CA ASN B 26 -2.21 -7.29 -10.34
C ASN B 26 -2.97 -6.37 -9.37
N PHE B 27 -3.49 -5.29 -9.96
CA PHE B 27 -4.20 -4.21 -9.26
C PHE B 27 -5.43 -4.74 -8.48
N SER B 28 -6.31 -5.46 -9.18
CA SER B 28 -7.50 -6.13 -8.60
C SER B 28 -7.19 -7.10 -7.44
N GLN B 29 -6.05 -7.80 -7.53
CA GLN B 29 -5.57 -8.67 -6.43
C GLN B 29 -5.19 -7.86 -5.18
N LEU B 30 -4.49 -6.73 -5.39
CA LEU B 30 -4.13 -5.77 -4.35
C LEU B 30 -5.35 -5.19 -3.63
N ARG B 31 -6.35 -4.83 -4.44
CA ARG B 31 -7.66 -4.37 -3.95
C ARG B 31 -8.29 -5.33 -2.94
N ALA B 32 -8.37 -6.62 -3.32
CA ALA B 32 -8.85 -7.69 -2.42
C ALA B 32 -8.02 -7.77 -1.12
N ALA B 33 -6.70 -7.87 -1.29
CA ALA B 33 -5.70 -7.92 -0.21
C ALA B 33 -5.79 -6.77 0.82
N ALA B 34 -5.91 -5.55 0.31
CA ALA B 34 -5.99 -4.32 1.13
C ALA B 34 -7.33 -4.16 1.87
N VAL B 35 -8.45 -4.30 1.15
CA VAL B 35 -9.81 -4.21 1.74
C VAL B 35 -9.99 -5.19 2.94
N GLN B 36 -9.54 -6.43 2.74
CA GLN B 36 -9.63 -7.46 3.79
C GLN B 36 -8.64 -7.28 4.95
N SER B 37 -7.46 -6.70 4.67
CA SER B 37 -6.50 -6.33 5.73
C SER B 37 -7.10 -5.28 6.67
N ALA B 38 -7.73 -4.27 6.07
CA ALA B 38 -8.49 -3.24 6.80
C ALA B 38 -9.68 -3.80 7.61
N THR B 39 -10.36 -4.79 7.05
CA THR B 39 -11.42 -5.57 7.74
C THR B 39 -10.87 -6.37 8.93
N ASP B 40 -9.79 -7.11 8.68
CA ASP B 40 -9.10 -7.95 9.69
C ASP B 40 -8.63 -7.15 10.91
N LEU B 41 -8.03 -5.99 10.64
CA LEU B 41 -7.54 -5.06 11.68
C LEU B 41 -8.66 -4.32 12.43
N TYR B 42 -9.51 -3.60 11.69
CA TYR B 42 -10.52 -2.70 12.29
C TYR B 42 -11.99 -2.83 11.87
N GLY B 43 -12.38 -4.02 11.41
CA GLY B 43 -13.78 -4.35 11.12
C GLY B 43 -14.18 -4.04 9.66
N SER B 44 -15.30 -4.65 9.25
CA SER B 44 -15.80 -4.51 7.87
C SER B 44 -16.51 -3.23 7.46
N THR B 45 -17.40 -2.73 8.32
CA THR B 45 -18.02 -1.39 8.19
C THR B 45 -17.07 -0.23 8.55
N SER B 46 -15.77 -0.54 8.54
CA SER B 46 -14.73 0.38 9.03
C SER B 46 -14.45 1.52 8.04
N GLN B 47 -14.30 2.73 8.57
CA GLN B 47 -13.78 3.86 7.77
C GLN B 47 -12.34 3.66 7.28
N GLU B 48 -11.58 2.79 7.95
CA GLU B 48 -10.30 2.26 7.39
C GLU B 48 -10.48 1.70 5.96
N VAL B 49 -11.44 0.79 5.82
CA VAL B 49 -11.83 0.12 4.56
C VAL B 49 -12.34 1.15 3.54
N ALA B 50 -13.22 2.05 4.01
CA ALA B 50 -13.76 3.17 3.21
C ALA B 50 -12.66 4.01 2.54
N SER B 51 -11.59 4.22 3.30
CA SER B 51 -10.42 5.02 2.87
C SER B 51 -9.47 4.25 1.94
N VAL B 52 -9.25 2.96 2.22
CA VAL B 52 -8.51 2.05 1.31
C VAL B 52 -9.18 1.95 -0.08
N LYS B 53 -10.49 1.74 -0.11
CA LYS B 53 -11.27 1.72 -1.37
C LYS B 53 -11.13 3.01 -2.19
N GLN B 54 -11.22 4.14 -1.50
CA GLN B 54 -10.92 5.48 -2.06
C GLN B 54 -9.55 5.57 -2.77
N ALA B 55 -8.53 4.97 -2.15
CA ALA B 55 -7.17 4.90 -2.73
C ALA B 55 -7.15 4.17 -4.09
N PHE B 56 -7.98 3.13 -4.19
CA PHE B 56 -8.22 2.37 -5.43
C PHE B 56 -9.11 3.07 -6.47
N ASP B 57 -10.01 3.93 -5.99
CA ASP B 57 -10.92 4.73 -6.82
C ASP B 57 -10.28 5.98 -7.46
N ALA B 58 -9.27 6.52 -6.78
CA ALA B 58 -8.58 7.76 -7.18
C ALA B 58 -7.16 7.53 -7.72
N VAL B 59 -7.02 6.40 -8.42
CA VAL B 59 -5.74 5.99 -9.02
C VAL B 59 -5.55 6.69 -10.37
N GLY B 60 -4.81 7.78 -10.23
CA GLY B 60 -4.47 8.70 -11.33
C GLY B 60 -5.00 10.11 -11.01
N VAL B 61 -6.28 10.17 -10.67
CA VAL B 61 -6.93 11.42 -10.24
C VAL B 61 -6.95 11.44 -8.71
N LYS B 62 -5.81 11.89 -8.15
CA LYS B 62 -5.55 11.97 -6.70
C LYS B 62 -6.76 12.08 -5.75
N VAL A 1 9.45 2.97 19.03
CA VAL A 1 9.69 1.99 17.95
C VAL A 1 9.13 2.53 16.62
N VAL A 2 10.03 2.58 15.64
CA VAL A 2 9.72 3.20 14.34
C VAL A 2 9.11 2.24 13.31
N GLY A 3 7.79 2.14 13.45
CA GLY A 3 6.89 1.35 12.57
C GLY A 3 6.76 1.91 11.15
N ILE A 4 7.82 1.74 10.39
CA ILE A 4 7.83 2.24 8.99
C ILE A 4 6.76 1.60 8.12
N GLY A 5 6.81 0.27 8.05
CA GLY A 5 5.86 -0.51 7.24
C GLY A 5 4.40 -0.41 7.70
N ARG A 6 4.20 -0.13 8.98
CA ARG A 6 2.86 0.00 9.55
C ARG A 6 2.24 1.41 9.49
N ASP A 7 3.00 2.46 9.77
CA ASP A 7 2.46 3.83 9.73
C ASP A 7 2.88 4.63 8.48
N LYS A 8 4.19 4.77 8.32
CA LYS A 8 4.80 5.57 7.23
C LYS A 8 4.47 5.07 5.81
N LEU A 9 4.25 3.76 5.72
CA LEU A 9 3.72 3.09 4.52
C LEU A 9 2.36 3.65 4.06
N GLY A 10 1.67 4.27 5.01
CA GLY A 10 0.45 5.07 4.79
C GLY A 10 0.63 6.09 3.66
N LYS A 11 1.36 7.15 3.99
CA LYS A 11 1.76 8.24 3.09
C LYS A 11 2.25 7.76 1.73
N ILE A 12 3.07 6.72 1.75
CA ILE A 12 3.63 6.07 0.56
C ILE A 12 2.55 5.53 -0.40
N PHE A 13 1.84 4.48 0.03
CA PHE A 13 0.94 3.71 -0.84
C PHE A 13 -0.33 4.42 -1.30
N TYR A 14 -0.79 5.36 -0.47
CA TYR A 14 -1.91 6.25 -0.87
C TYR A 14 -1.51 7.07 -2.11
N ARG A 15 -0.35 7.71 -2.04
CA ARG A 15 0.23 8.39 -3.21
C ARG A 15 0.44 7.43 -4.41
N ALA A 16 0.95 6.22 -4.16
CA ALA A 16 1.17 5.18 -5.21
C ALA A 16 -0.09 4.90 -6.02
N LEU A 17 -1.20 4.65 -5.33
CA LEU A 17 -2.50 4.46 -6.00
C LEU A 17 -2.98 5.67 -6.82
N THR A 18 -2.99 6.84 -6.19
CA THR A 18 -3.53 8.09 -6.74
C THR A 18 -2.75 8.63 -7.95
N GLN A 19 -1.46 8.81 -7.73
CA GLN A 19 -0.54 9.49 -8.65
C GLN A 19 0.17 8.60 -9.69
N TYR A 20 0.35 7.33 -9.35
CA TYR A 20 1.28 6.42 -10.06
C TYR A 20 0.62 5.16 -10.66
N LEU A 21 -0.42 4.69 -10.01
CA LEU A 21 -1.16 3.49 -10.43
C LEU A 21 -2.17 3.73 -11.56
N THR A 22 -2.51 2.61 -12.17
CA THR A 22 -3.48 2.50 -13.28
C THR A 22 -4.60 1.52 -12.97
N PRO A 23 -5.73 1.77 -13.62
CA PRO A 23 -6.85 0.82 -13.70
C PRO A 23 -6.47 -0.65 -13.96
N THR A 24 -5.58 -0.86 -14.92
CA THR A 24 -5.08 -2.20 -15.29
C THR A 24 -3.71 -2.49 -14.69
N SER A 25 -3.56 -2.08 -13.43
CA SER A 25 -2.31 -2.24 -12.66
C SER A 25 -1.89 -3.67 -12.32
N ASN A 26 -0.61 -3.79 -12.02
CA ASN A 26 0.02 -5.07 -11.66
C ASN A 26 1.05 -4.93 -10.53
N PHE A 27 1.43 -6.10 -10.03
CA PHE A 27 2.42 -6.25 -8.94
C PHE A 27 3.70 -5.48 -9.33
N SER A 28 4.19 -5.73 -10.55
CA SER A 28 5.30 -4.99 -11.18
C SER A 28 5.17 -3.46 -11.22
N GLN A 29 3.97 -2.97 -11.50
CA GLN A 29 3.72 -1.52 -11.46
C GLN A 29 3.67 -0.95 -10.03
N LEU A 30 3.06 -1.71 -9.13
CA LEU A 30 2.90 -1.37 -7.71
C LEU A 30 4.26 -1.22 -7.01
N ARG A 31 5.13 -2.18 -7.28
CA ARG A 31 6.56 -2.11 -6.95
C ARG A 31 7.15 -0.72 -7.21
N ALA A 32 7.10 -0.31 -8.48
CA ALA A 32 7.76 0.93 -8.91
C ALA A 32 7.07 2.17 -8.32
N ALA A 33 5.74 2.15 -8.35
CA ALA A 33 4.88 3.22 -7.80
C ALA A 33 5.16 3.49 -6.32
N ALA A 34 5.12 2.44 -5.50
CA ALA A 34 5.38 2.52 -4.05
C ALA A 34 6.79 3.02 -3.74
N VAL A 35 7.78 2.45 -4.42
CA VAL A 35 9.18 2.91 -4.34
C VAL A 35 9.30 4.40 -4.73
N GLN A 36 8.67 4.81 -5.83
CA GLN A 36 8.68 6.22 -6.27
C GLN A 36 8.01 7.18 -5.27
N SER A 37 6.85 6.80 -4.74
CA SER A 37 6.15 7.51 -3.64
C SER A 37 7.02 7.64 -2.38
N ALA A 38 7.74 6.59 -2.00
CA ALA A 38 8.63 6.63 -0.83
C ALA A 38 9.83 7.59 -0.99
N THR A 39 10.35 7.62 -2.22
CA THR A 39 11.39 8.56 -2.66
C THR A 39 10.87 10.01 -2.63
N ASP A 40 9.70 10.26 -3.19
CA ASP A 40 9.09 11.61 -3.21
C ASP A 40 8.84 12.20 -1.81
N LEU A 41 8.34 11.34 -0.94
CA LEU A 41 7.84 11.74 0.38
C LEU A 41 8.93 11.77 1.45
N TYR A 42 9.80 10.78 1.38
CA TYR A 42 10.85 10.57 2.38
C TYR A 42 12.28 10.56 1.85
N GLY A 43 12.49 11.00 0.61
CA GLY A 43 13.83 10.95 -0.02
C GLY A 43 14.25 9.50 -0.31
N SER A 44 15.15 9.35 -1.28
CA SER A 44 15.61 8.03 -1.74
C SER A 44 16.40 7.16 -0.81
N THR A 45 17.38 7.71 -0.13
CA THR A 45 18.17 6.92 0.83
C THR A 45 17.45 6.87 2.19
N SER A 46 16.26 6.31 2.06
CA SER A 46 15.30 6.25 3.16
C SER A 46 15.04 4.80 3.59
N GLN A 47 14.94 4.61 4.90
CA GLN A 47 14.48 3.32 5.42
C GLN A 47 13.00 3.01 5.13
N GLU A 48 12.24 4.05 4.80
CA GLU A 48 10.87 3.90 4.30
C GLU A 48 10.84 3.25 2.92
N VAL A 49 11.73 3.69 2.03
CA VAL A 49 11.94 3.09 0.68
C VAL A 49 12.39 1.63 0.84
N ALA A 50 13.22 1.37 1.86
CA ALA A 50 13.68 0.04 2.29
C ALA A 50 12.51 -0.88 2.67
N SER A 51 11.66 -0.40 3.58
CA SER A 51 10.42 -1.09 4.00
C SER A 51 9.47 -1.43 2.85
N VAL A 52 9.40 -0.53 1.89
CA VAL A 52 8.53 -0.69 0.72
C VAL A 52 9.03 -1.86 -0.14
N LYS A 53 10.31 -1.78 -0.47
CA LYS A 53 11.03 -2.88 -1.13
C LYS A 53 10.87 -4.22 -0.39
N GLN A 54 11.10 -4.19 0.91
CA GLN A 54 11.00 -5.35 1.81
C GLN A 54 9.61 -5.98 1.86
N ALA A 55 8.55 -5.18 1.74
CA ALA A 55 7.19 -5.72 1.61
C ALA A 55 7.10 -6.61 0.35
N PHE A 56 7.48 -6.02 -0.79
CA PHE A 56 7.49 -6.73 -2.08
C PHE A 56 8.38 -7.97 -2.16
N ASP A 57 9.56 -7.86 -1.54
CA ASP A 57 10.58 -8.94 -1.46
C ASP A 57 10.09 -10.21 -0.78
N ALA A 58 9.45 -10.03 0.38
CA ALA A 58 8.83 -11.11 1.16
C ALA A 58 7.72 -11.86 0.40
N VAL A 59 7.05 -11.17 -0.53
CA VAL A 59 5.86 -11.71 -1.24
C VAL A 59 6.30 -12.74 -2.29
N GLY A 60 6.23 -13.98 -1.82
CA GLY A 60 6.69 -15.19 -2.52
C GLY A 60 8.22 -15.37 -2.50
N VAL A 61 8.82 -15.15 -1.33
CA VAL A 61 10.26 -15.34 -1.11
C VAL A 61 10.72 -16.81 -1.23
N LYS A 62 11.36 -17.01 -2.35
CA LYS A 62 11.92 -18.29 -2.82
C LYS A 62 13.44 -18.24 -2.97
N VAL B 1 -0.42 12.36 13.48
CA VAL B 1 -0.89 11.12 12.83
C VAL B 1 -2.22 11.43 12.16
N VAL B 2 -2.19 11.19 10.87
CA VAL B 2 -3.34 11.40 10.00
C VAL B 2 -4.34 10.26 10.25
N GLY B 3 -5.41 10.65 10.93
CA GLY B 3 -6.56 9.78 11.26
C GLY B 3 -7.01 8.98 10.02
N ILE B 4 -7.06 7.67 10.20
CA ILE B 4 -7.20 6.63 9.14
C ILE B 4 -6.36 6.80 7.88
N GLY B 5 -6.91 7.65 7.03
CA GLY B 5 -6.59 7.89 5.63
C GLY B 5 -5.19 7.45 5.21
N ARG B 6 -4.24 8.33 5.31
CA ARG B 6 -2.86 8.00 4.87
C ARG B 6 -1.85 7.87 6.00
N ASP B 7 -2.30 7.16 7.04
CA ASP B 7 -1.42 6.63 8.08
C ASP B 7 -1.77 5.17 8.38
N LYS B 8 -3.03 4.88 8.71
CA LYS B 8 -3.49 3.49 8.93
C LYS B 8 -3.46 2.66 7.63
N LEU B 9 -3.45 3.37 6.50
CA LEU B 9 -3.04 2.85 5.18
C LEU B 9 -1.83 1.89 5.23
N GLY B 10 -0.89 2.21 6.13
CA GLY B 10 0.35 1.44 6.38
C GLY B 10 0.11 -0.05 6.69
N LYS B 11 -0.62 -0.28 7.77
CA LYS B 11 -0.95 -1.61 8.30
C LYS B 11 -1.70 -2.44 7.24
N ILE B 12 -2.71 -1.82 6.63
CA ILE B 12 -3.48 -2.41 5.53
C ILE B 12 -2.54 -2.97 4.43
N PHE B 13 -1.77 -2.07 3.81
CA PHE B 13 -0.98 -2.46 2.63
C PHE B 13 0.23 -3.36 2.85
N TYR B 14 0.82 -3.25 4.04
CA TYR B 14 1.86 -4.17 4.51
C TYR B 14 1.29 -5.60 4.63
N ARG B 15 0.13 -5.71 5.28
CA ARG B 15 -0.58 -6.99 5.49
C ARG B 15 -1.13 -7.57 4.17
N ALA B 16 -1.80 -6.75 3.38
CA ALA B 16 -2.20 -7.01 1.98
C ALA B 16 -1.11 -7.70 1.16
N LEU B 17 0.12 -7.18 1.24
CA LEU B 17 1.25 -7.79 0.52
C LEU B 17 1.66 -9.14 1.12
N THR B 18 2.04 -9.09 2.39
CA THR B 18 2.58 -10.27 3.10
C THR B 18 1.60 -11.43 3.34
N GLN B 19 0.30 -11.18 3.47
CA GLN B 19 -0.68 -12.25 3.74
C GLN B 19 -1.56 -12.64 2.55
N TYR B 20 -1.83 -11.64 1.72
CA TYR B 20 -2.89 -11.74 0.68
C TYR B 20 -2.41 -11.72 -0.79
N LEU B 21 -1.34 -10.99 -1.09
CA LEU B 21 -0.81 -10.91 -2.46
C LEU B 21 0.11 -12.07 -2.84
N THR B 22 0.09 -12.33 -4.14
CA THR B 22 1.08 -13.21 -4.83
C THR B 22 2.16 -12.33 -5.46
N PRO B 23 3.30 -12.92 -5.85
CA PRO B 23 4.23 -12.24 -6.76
C PRO B 23 3.67 -11.91 -8.15
N THR B 24 2.67 -12.66 -8.62
CA THR B 24 1.99 -12.45 -9.92
C THR B 24 0.67 -11.67 -9.81
N SER B 25 0.57 -10.70 -8.90
CA SER B 25 -0.69 -9.96 -8.67
C SER B 25 -1.04 -8.88 -9.69
N ASN B 26 -2.34 -8.65 -9.86
CA ASN B 26 -2.87 -7.43 -10.53
C ASN B 26 -3.76 -6.58 -9.60
N PHE B 27 -4.23 -5.46 -10.12
CA PHE B 27 -4.97 -4.44 -9.36
C PHE B 27 -6.18 -5.00 -8.55
N SER B 28 -6.94 -5.90 -9.17
CA SER B 28 -8.03 -6.65 -8.51
C SER B 28 -7.65 -7.43 -7.25
N GLN B 29 -6.50 -8.11 -7.25
CA GLN B 29 -5.96 -8.80 -6.06
C GLN B 29 -5.68 -7.80 -4.94
N LEU B 30 -5.00 -6.69 -5.26
CA LEU B 30 -4.74 -5.58 -4.35
C LEU B 30 -6.06 -5.09 -3.72
N ARG B 31 -7.04 -4.78 -4.58
CA ARG B 31 -8.43 -4.42 -4.19
C ARG B 31 -9.03 -5.36 -3.12
N ALA B 32 -9.09 -6.66 -3.41
CA ALA B 32 -9.62 -7.66 -2.45
C ALA B 32 -8.77 -7.78 -1.16
N ALA B 33 -7.46 -7.77 -1.37
CA ALA B 33 -6.45 -7.93 -0.31
C ALA B 33 -6.54 -6.83 0.76
N ALA B 34 -6.64 -5.58 0.30
CA ALA B 34 -6.60 -4.39 1.16
C ALA B 34 -7.87 -4.21 2.00
N VAL B 35 -9.03 -4.42 1.38
CA VAL B 35 -10.32 -4.42 2.10
C VAL B 35 -10.37 -5.50 3.20
N GLN B 36 -9.84 -6.69 2.91
CA GLN B 36 -9.74 -7.79 3.88
C GLN B 36 -8.78 -7.50 5.04
N SER B 37 -7.59 -7.01 4.67
CA SER B 37 -6.59 -6.42 5.58
C SER B 37 -7.15 -5.37 6.54
N ALA B 38 -7.80 -4.35 5.99
CA ALA B 38 -8.43 -3.28 6.78
C ALA B 38 -9.48 -3.80 7.77
N THR B 39 -10.32 -4.72 7.29
CA THR B 39 -11.37 -5.41 8.07
C THR B 39 -10.78 -6.11 9.31
N ASP B 40 -9.73 -6.87 9.03
CA ASP B 40 -8.96 -7.66 10.00
C ASP B 40 -8.32 -6.85 11.12
N LEU B 41 -7.80 -5.69 10.76
CA LEU B 41 -7.13 -4.79 11.71
C LEU B 41 -8.11 -3.92 12.50
N TYR B 42 -8.89 -3.11 11.76
CA TYR B 42 -9.74 -2.06 12.35
C TYR B 42 -11.19 -2.12 11.87
N GLY B 43 -11.72 -3.33 11.74
CA GLY B 43 -13.17 -3.55 11.57
C GLY B 43 -13.71 -3.53 10.14
N SER B 44 -14.79 -4.29 10.00
CA SER B 44 -15.52 -4.37 8.73
C SER B 44 -16.34 -3.19 8.27
N THR B 45 -17.30 -2.83 9.10
CA THR B 45 -18.22 -1.69 8.90
C THR B 45 -17.55 -0.39 9.31
N SER B 46 -16.34 -0.29 8.79
CA SER B 46 -15.30 0.63 9.25
C SER B 46 -15.00 1.66 8.18
N GLN B 47 -14.78 2.84 8.70
CA GLN B 47 -14.27 4.00 7.95
C GLN B 47 -12.84 3.80 7.43
N GLU B 48 -12.11 2.82 7.96
CA GLU B 48 -10.79 2.51 7.41
C GLU B 48 -10.91 1.76 6.06
N VAL B 49 -11.84 0.82 6.04
CA VAL B 49 -12.23 0.08 4.82
C VAL B 49 -12.73 1.04 3.73
N ALA B 50 -13.50 2.05 4.15
CA ALA B 50 -13.92 3.19 3.32
C ALA B 50 -12.71 3.92 2.71
N SER B 51 -11.71 4.20 3.56
CA SER B 51 -10.41 4.82 3.20
C SER B 51 -9.55 4.02 2.21
N VAL B 52 -9.64 2.68 2.29
CA VAL B 52 -9.03 1.74 1.33
C VAL B 52 -9.68 1.88 -0.05
N LYS B 53 -11.00 1.62 -0.12
CA LYS B 53 -11.81 1.76 -1.35
C LYS B 53 -11.56 3.10 -2.07
N GLN B 54 -11.48 4.15 -1.27
CA GLN B 54 -11.15 5.54 -1.66
C GLN B 54 -9.84 5.62 -2.47
N ALA B 55 -8.80 4.94 -1.99
CA ALA B 55 -7.49 4.82 -2.67
C ALA B 55 -7.64 4.27 -4.09
N PHE B 56 -8.43 3.20 -4.19
CA PHE B 56 -8.68 2.50 -5.46
C PHE B 56 -9.53 3.26 -6.49
N ASP B 57 -10.35 4.19 -6.01
CA ASP B 57 -11.20 5.06 -6.84
C ASP B 57 -10.39 6.20 -7.50
N ALA B 58 -9.44 6.73 -6.73
CA ALA B 58 -8.55 7.83 -7.14
C ALA B 58 -7.32 7.39 -7.95
N VAL B 59 -7.42 6.21 -8.53
CA VAL B 59 -6.32 5.64 -9.34
C VAL B 59 -6.23 6.26 -10.74
N GLY B 60 -5.28 7.20 -10.78
CA GLY B 60 -4.96 7.99 -11.98
C GLY B 60 -5.11 9.50 -11.76
N VAL B 61 -5.41 9.92 -10.54
CA VAL B 61 -5.59 11.34 -10.18
C VAL B 61 -4.33 11.81 -9.45
N LYS B 62 -3.43 12.32 -10.28
CA LYS B 62 -2.15 12.93 -9.89
C LYS B 62 -2.17 13.63 -8.51
N VAL A 1 4.68 11.15 14.74
CA VAL A 1 5.25 9.78 14.71
C VAL A 1 6.04 9.46 13.43
N VAL A 2 7.23 8.95 13.70
CA VAL A 2 8.15 8.39 12.69
C VAL A 2 8.05 6.85 12.86
N GLY A 3 7.18 6.30 12.03
CA GLY A 3 6.88 4.85 12.02
C GLY A 3 6.70 4.35 10.59
N ILE A 4 7.75 3.68 10.11
CA ILE A 4 7.86 3.25 8.71
C ILE A 4 6.77 2.29 8.21
N GLY A 5 6.59 1.21 8.95
CA GLY A 5 5.63 0.12 8.66
C GLY A 5 4.15 0.50 8.54
N ARG A 6 3.77 1.61 9.17
CA ARG A 6 2.39 2.11 9.14
C ARG A 6 2.24 3.49 8.51
N ASP A 7 2.49 4.55 9.28
CA ASP A 7 2.29 5.95 8.83
C ASP A 7 3.10 6.36 7.59
N LYS A 8 4.37 5.98 7.55
CA LYS A 8 5.24 6.27 6.39
C LYS A 8 4.90 5.43 5.15
N LEU A 9 4.67 4.12 5.35
CA LEU A 9 4.14 3.21 4.32
C LEU A 9 2.81 3.72 3.73
N GLY A 10 1.95 4.20 4.62
CA GLY A 10 0.70 4.94 4.32
C GLY A 10 0.90 5.99 3.23
N LYS A 11 1.76 6.97 3.55
CA LYS A 11 2.17 8.04 2.62
C LYS A 11 2.63 7.51 1.26
N ILE A 12 3.58 6.56 1.30
CA ILE A 12 4.14 5.87 0.12
C ILE A 12 3.01 5.26 -0.74
N PHE A 13 2.32 4.27 -0.18
CA PHE A 13 1.36 3.46 -0.94
C PHE A 13 0.13 4.19 -1.44
N TYR A 14 -0.36 5.14 -0.64
CA TYR A 14 -1.45 6.04 -1.04
C TYR A 14 -1.04 6.88 -2.27
N ARG A 15 0.12 7.55 -2.17
CA ARG A 15 0.69 8.31 -3.29
C ARG A 15 0.97 7.43 -4.54
N ALA A 16 1.56 6.26 -4.31
CA ALA A 16 1.79 5.22 -5.36
C ALA A 16 0.51 4.94 -6.17
N LEU A 17 -0.57 4.64 -5.46
CA LEU A 17 -1.93 4.49 -6.01
C LEU A 17 -2.47 5.72 -6.76
N THR A 18 -2.67 6.81 -6.03
CA THR A 18 -3.34 8.03 -6.55
C THR A 18 -2.61 8.77 -7.68
N GLN A 19 -1.28 8.59 -7.74
CA GLN A 19 -0.41 9.28 -8.72
C GLN A 19 0.21 8.34 -9.77
N TYR A 20 0.97 7.36 -9.30
CA TYR A 20 1.77 6.46 -10.17
C TYR A 20 0.99 5.33 -10.85
N LEU A 21 0.08 4.71 -10.11
CA LEU A 21 -0.78 3.64 -10.64
C LEU A 21 -1.90 4.15 -11.57
N THR A 22 -2.06 3.43 -12.65
CA THR A 22 -3.26 3.51 -13.51
C THR A 22 -4.41 2.74 -12.87
N PRO A 23 -5.65 3.13 -13.20
CA PRO A 23 -6.84 2.29 -12.98
C PRO A 23 -6.59 0.83 -13.42
N THR A 24 -5.99 0.66 -14.59
CA THR A 24 -5.49 -0.66 -15.04
C THR A 24 -4.02 -0.86 -14.67
N SER A 25 -3.82 -1.37 -13.46
CA SER A 25 -2.48 -1.69 -12.95
C SER A 25 -2.18 -3.18 -12.76
N ASN A 26 -0.87 -3.44 -12.81
CA ASN A 26 -0.26 -4.73 -12.47
C ASN A 26 0.75 -4.62 -11.32
N PHE A 27 1.19 -5.79 -10.85
CA PHE A 27 2.20 -5.94 -9.78
C PHE A 27 3.52 -5.20 -10.11
N SER A 28 4.08 -5.44 -11.29
CA SER A 28 5.28 -4.68 -11.77
C SER A 28 5.14 -3.16 -11.63
N GLN A 29 3.96 -2.63 -12.00
CA GLN A 29 3.63 -1.21 -11.83
C GLN A 29 3.69 -0.74 -10.37
N LEU A 30 3.15 -1.56 -9.47
CA LEU A 30 3.17 -1.36 -8.02
C LEU A 30 4.62 -1.29 -7.49
N ARG A 31 5.46 -2.21 -7.92
CA ARG A 31 6.88 -2.26 -7.52
C ARG A 31 7.64 -0.96 -7.84
N ALA A 32 7.58 -0.55 -9.11
CA ALA A 32 8.17 0.72 -9.57
C ALA A 32 7.60 1.94 -8.80
N ALA A 33 6.27 2.04 -8.85
CA ALA A 33 5.47 3.11 -8.21
C ALA A 33 5.82 3.31 -6.72
N ALA A 34 5.81 2.20 -5.95
CA ALA A 34 6.00 2.22 -4.49
C ALA A 34 7.42 2.62 -4.06
N VAL A 35 8.44 2.06 -4.73
CA VAL A 35 9.85 2.43 -4.48
C VAL A 35 10.06 3.93 -4.80
N GLN A 36 9.62 4.33 -5.98
CA GLN A 36 9.60 5.74 -6.42
C GLN A 36 8.98 6.68 -5.38
N SER A 37 7.76 6.37 -4.96
CA SER A 37 7.03 7.16 -3.95
C SER A 37 7.81 7.33 -2.64
N ALA A 38 8.38 6.23 -2.14
CA ALA A 38 9.24 6.22 -0.94
C ALA A 38 10.48 7.13 -1.05
N THR A 39 11.26 6.90 -2.10
CA THR A 39 12.44 7.71 -2.48
C THR A 39 12.08 9.19 -2.62
N ASP A 40 10.92 9.44 -3.23
CA ASP A 40 10.36 10.79 -3.45
C ASP A 40 9.92 11.51 -2.16
N LEU A 41 9.06 10.83 -1.40
CA LEU A 41 8.43 11.41 -0.20
C LEU A 41 9.38 11.72 0.95
N TYR A 42 10.31 10.80 1.22
CA TYR A 42 11.23 10.96 2.37
C TYR A 42 12.72 10.82 2.03
N GLY A 43 13.04 10.92 0.75
CA GLY A 43 14.41 10.69 0.23
C GLY A 43 14.82 9.21 0.32
N SER A 44 15.77 8.85 -0.55
CA SER A 44 16.36 7.49 -0.53
C SER A 44 17.37 7.20 0.59
N THR A 45 17.68 8.23 1.36
CA THR A 45 18.38 8.11 2.66
C THR A 45 17.56 7.36 3.73
N SER A 46 16.28 7.18 3.42
CA SER A 46 15.25 6.71 4.35
C SER A 46 14.90 5.23 4.20
N GLN A 47 14.92 4.59 5.36
CA GLN A 47 14.58 3.18 5.54
C GLN A 47 13.11 2.83 5.29
N GLU A 48 12.28 3.84 5.00
CA GLU A 48 10.94 3.56 4.45
C GLU A 48 10.95 2.94 3.04
N VAL A 49 12.01 3.21 2.26
CA VAL A 49 12.25 2.53 0.96
C VAL A 49 12.48 1.03 1.23
N ALA A 50 13.38 0.74 2.17
CA ALA A 50 13.66 -0.61 2.71
C ALA A 50 12.38 -1.36 3.14
N SER A 51 11.52 -0.67 3.90
CA SER A 51 10.22 -1.22 4.35
C SER A 51 9.30 -1.66 3.18
N VAL A 52 9.25 -0.83 2.13
CA VAL A 52 8.53 -1.12 0.86
C VAL A 52 9.11 -2.34 0.13
N LYS A 53 10.44 -2.31 -0.07
CA LYS A 53 11.23 -3.42 -0.66
C LYS A 53 10.93 -4.80 -0.03
N GLN A 54 10.93 -4.80 1.30
CA GLN A 54 10.62 -5.99 2.14
C GLN A 54 9.26 -6.62 1.84
N ALA A 55 8.25 -5.77 1.66
CA ALA A 55 6.87 -6.21 1.37
C ALA A 55 6.81 -7.02 0.05
N PHE A 56 7.55 -6.50 -0.94
CA PHE A 56 7.72 -7.12 -2.26
C PHE A 56 8.52 -8.44 -2.30
N ASP A 57 9.42 -8.57 -1.33
CA ASP A 57 10.28 -9.77 -1.18
C ASP A 57 9.53 -11.07 -0.82
N ALA A 58 8.47 -10.98 -0.01
CA ALA A 58 7.71 -12.16 0.45
C ALA A 58 6.33 -12.35 -0.21
N VAL A 59 6.23 -11.88 -1.46
CA VAL A 59 4.95 -11.85 -2.18
C VAL A 59 4.55 -13.22 -2.74
N GLY A 60 3.63 -13.77 -1.97
CA GLY A 60 2.99 -15.07 -2.25
C GLY A 60 3.22 -16.11 -1.13
N VAL A 61 3.92 -15.68 -0.07
CA VAL A 61 4.19 -16.48 1.14
C VAL A 61 2.89 -16.52 1.97
N LYS A 62 2.01 -17.37 1.46
CA LYS A 62 0.66 -17.56 2.03
C LYS A 62 0.54 -18.70 3.03
N VAL B 1 -10.98 2.09 14.35
CA VAL B 1 -10.00 3.17 14.26
C VAL B 1 -10.42 4.26 13.26
N VAL B 2 -10.48 5.46 13.81
CA VAL B 2 -10.83 6.70 13.08
C VAL B 2 -9.65 7.59 12.69
N GLY B 3 -8.52 7.33 13.34
CA GLY B 3 -7.24 8.05 13.11
C GLY B 3 -6.62 7.54 11.81
N ILE B 4 -7.26 7.91 10.71
CA ILE B 4 -6.95 7.29 9.40
C ILE B 4 -6.28 8.25 8.39
N GLY B 5 -6.79 8.20 7.16
CA GLY B 5 -6.34 8.98 5.99
C GLY B 5 -5.14 8.30 5.35
N ARG B 6 -4.06 8.37 6.09
CA ARG B 6 -2.77 7.71 5.78
C ARG B 6 -2.12 6.93 6.93
N ASP B 7 -2.38 7.37 8.16
CA ASP B 7 -1.76 6.82 9.37
C ASP B 7 -1.82 5.31 9.59
N LYS B 8 -2.99 4.71 9.35
CA LYS B 8 -3.13 3.25 9.48
C LYS B 8 -3.12 2.47 8.15
N LEU B 9 -3.05 3.20 7.03
CA LEU B 9 -2.98 2.63 5.66
C LEU B 9 -1.79 1.67 5.46
N GLY B 10 -0.73 1.90 6.22
CA GLY B 10 0.54 1.16 6.15
C GLY B 10 0.45 -0.37 6.26
N LYS B 11 0.23 -0.85 7.48
CA LYS B 11 0.26 -2.29 7.83
C LYS B 11 -0.56 -3.21 6.92
N ILE B 12 -1.63 -2.63 6.36
CA ILE B 12 -2.58 -3.28 5.43
C ILE B 12 -1.83 -3.81 4.19
N PHE B 13 -1.11 -2.91 3.54
CA PHE B 13 -0.40 -3.19 2.29
C PHE B 13 0.77 -4.16 2.40
N TYR B 14 1.48 -4.09 3.52
CA TYR B 14 2.57 -5.03 3.85
C TYR B 14 2.02 -6.47 3.86
N ARG B 15 1.00 -6.68 4.69
CA ARG B 15 0.29 -7.96 4.85
C ARG B 15 -0.45 -8.43 3.58
N ALA B 16 -1.05 -7.49 2.83
CA ALA B 16 -1.59 -7.73 1.49
C ALA B 16 -0.56 -8.32 0.51
N LEU B 17 0.59 -7.66 0.38
CA LEU B 17 1.69 -8.16 -0.48
C LEU B 17 2.19 -9.57 -0.13
N THR B 18 2.52 -9.74 1.14
CA THR B 18 3.10 -10.98 1.70
C THR B 18 2.15 -12.20 1.64
N GLN B 19 0.99 -12.03 2.28
CA GLN B 19 -0.03 -13.08 2.50
C GLN B 19 -1.24 -13.13 1.54
N TYR B 20 -1.36 -12.19 0.60
CA TYR B 20 -2.49 -12.18 -0.36
C TYR B 20 -2.10 -12.08 -1.83
N LEU B 21 -1.17 -11.18 -2.10
CA LEU B 21 -0.67 -10.93 -3.46
C LEU B 21 0.16 -12.06 -4.06
N THR B 22 0.05 -12.06 -5.37
CA THR B 22 0.86 -12.90 -6.28
C THR B 22 1.96 -12.08 -6.95
N PRO B 23 3.01 -12.75 -7.42
CA PRO B 23 3.94 -12.17 -8.41
C PRO B 23 3.24 -11.66 -9.68
N THR B 24 2.18 -12.37 -10.11
CA THR B 24 1.34 -12.05 -11.29
C THR B 24 0.10 -11.20 -10.96
N SER B 25 0.27 -10.26 -10.04
CA SER B 25 -0.85 -9.42 -9.56
C SER B 25 -1.31 -8.31 -10.51
N ASN B 26 -2.57 -7.96 -10.30
CA ASN B 26 -3.22 -6.80 -10.92
C ASN B 26 -3.81 -5.84 -9.86
N PHE B 27 -4.26 -4.70 -10.35
CA PHE B 27 -4.86 -3.63 -9.53
C PHE B 27 -6.04 -4.12 -8.66
N SER B 28 -6.92 -4.94 -9.23
CA SER B 28 -8.02 -5.60 -8.48
C SER B 28 -7.60 -6.70 -7.50
N GLN B 29 -6.52 -7.43 -7.81
CA GLN B 29 -5.95 -8.42 -6.87
C GLN B 29 -5.44 -7.72 -5.60
N LEU B 30 -4.85 -6.55 -5.84
CA LEU B 30 -4.42 -5.56 -4.85
C LEU B 30 -5.60 -4.99 -4.05
N ARG B 31 -6.66 -4.59 -4.77
CA ARG B 31 -7.89 -4.08 -4.13
C ARG B 31 -8.44 -5.06 -3.09
N ALA B 32 -8.77 -6.26 -3.55
CA ALA B 32 -9.30 -7.34 -2.70
C ALA B 32 -8.41 -7.64 -1.48
N ALA B 33 -7.12 -7.83 -1.78
CA ALA B 33 -6.04 -8.14 -0.82
C ALA B 33 -5.90 -7.12 0.32
N ALA B 34 -5.92 -5.84 -0.05
CA ALA B 34 -5.84 -4.72 0.92
C ALA B 34 -7.09 -4.62 1.80
N VAL B 35 -8.26 -4.83 1.19
CA VAL B 35 -9.55 -4.79 1.92
C VAL B 35 -9.62 -5.95 2.94
N GLN B 36 -9.23 -7.14 2.52
CA GLN B 36 -9.00 -8.31 3.39
C GLN B 36 -8.01 -8.04 4.54
N SER B 37 -6.89 -7.41 4.20
CA SER B 37 -5.83 -7.02 5.16
C SER B 37 -6.27 -6.00 6.23
N ALA B 38 -6.96 -4.96 5.79
CA ALA B 38 -7.52 -3.91 6.68
C ALA B 38 -8.50 -4.51 7.70
N THR B 39 -9.38 -5.36 7.20
CA THR B 39 -10.29 -6.22 7.99
C THR B 39 -9.51 -7.07 9.01
N ASP B 40 -8.48 -7.78 8.54
CA ASP B 40 -7.62 -8.61 9.42
C ASP B 40 -6.90 -7.90 10.58
N LEU B 41 -6.47 -6.67 10.30
CA LEU B 41 -5.64 -5.91 11.23
C LEU B 41 -6.40 -4.88 12.09
N TYR B 42 -7.28 -4.14 11.44
CA TYR B 42 -7.95 -2.98 12.07
C TYR B 42 -9.47 -3.14 12.22
N GLY B 43 -9.93 -4.39 12.12
CA GLY B 43 -11.37 -4.74 12.12
C GLY B 43 -12.09 -4.19 10.89
N SER B 44 -13.12 -4.91 10.48
CA SER B 44 -13.97 -4.48 9.35
C SER B 44 -14.99 -3.38 9.59
N THR B 45 -15.44 -3.26 10.83
CA THR B 45 -16.18 -2.09 11.33
C THR B 45 -15.29 -0.85 11.50
N SER B 46 -14.38 -0.67 10.53
CA SER B 46 -13.42 0.44 10.57
C SER B 46 -13.46 1.32 9.32
N GLN B 47 -13.31 2.61 9.61
CA GLN B 47 -13.21 3.65 8.57
C GLN B 47 -11.85 3.59 7.84
N GLU B 48 -10.88 2.87 8.38
CA GLU B 48 -9.66 2.52 7.63
C GLU B 48 -9.92 1.55 6.47
N VAL B 49 -10.86 0.62 6.61
CA VAL B 49 -11.40 -0.13 5.44
C VAL B 49 -11.94 0.84 4.36
N ALA B 50 -12.69 1.85 4.81
CA ALA B 50 -13.16 2.96 3.94
C ALA B 50 -12.02 3.77 3.29
N SER B 51 -10.97 4.06 4.07
CA SER B 51 -9.71 4.70 3.57
C SER B 51 -8.88 3.87 2.59
N VAL B 52 -8.86 2.55 2.82
CA VAL B 52 -8.33 1.56 1.86
C VAL B 52 -9.07 1.68 0.52
N LYS B 53 -10.40 1.53 0.56
CA LYS B 53 -11.25 1.65 -0.64
C LYS B 53 -11.03 2.97 -1.41
N GLN B 54 -11.06 4.06 -0.65
CA GLN B 54 -10.77 5.45 -1.06
C GLN B 54 -9.50 5.57 -1.94
N ALA B 55 -8.42 4.95 -1.48
CA ALA B 55 -7.12 4.88 -2.19
C ALA B 55 -7.25 4.40 -3.65
N PHE B 56 -8.05 3.35 -3.85
CA PHE B 56 -8.35 2.76 -5.18
C PHE B 56 -9.20 3.65 -6.09
N ASP B 57 -10.22 4.27 -5.51
CA ASP B 57 -11.13 5.21 -6.22
C ASP B 57 -10.41 6.48 -6.72
N ALA B 58 -9.43 6.94 -5.94
CA ALA B 58 -8.68 8.18 -6.22
C ALA B 58 -7.48 7.98 -7.17
N VAL B 59 -7.42 6.79 -7.78
CA VAL B 59 -6.37 6.45 -8.75
C VAL B 59 -6.71 7.10 -10.10
N GLY B 60 -5.93 8.16 -10.29
CA GLY B 60 -6.04 9.08 -11.45
C GLY B 60 -6.28 10.51 -10.94
N VAL B 61 -7.08 10.58 -9.87
CA VAL B 61 -7.37 11.84 -9.15
C VAL B 61 -6.31 12.01 -8.04
N LYS B 62 -5.12 12.35 -8.49
CA LYS B 62 -4.02 12.81 -7.61
C LYS B 62 -4.34 14.14 -6.91
N VAL A 1 12.04 8.87 15.62
CA VAL A 1 11.65 7.47 15.32
C VAL A 1 10.74 7.32 14.09
N VAL A 2 11.38 6.74 13.09
CA VAL A 2 10.80 6.50 11.77
C VAL A 2 9.94 5.22 11.73
N GLY A 3 8.67 5.39 12.08
CA GLY A 3 7.66 4.29 12.11
C GLY A 3 7.25 3.83 10.70
N ILE A 4 8.22 3.29 9.97
CA ILE A 4 8.06 2.85 8.57
C ILE A 4 6.87 1.93 8.28
N GLY A 5 6.87 0.81 9.00
CA GLY A 5 5.93 -0.34 8.85
C GLY A 5 4.44 -0.01 8.72
N ARG A 6 4.00 1.03 9.44
CA ARG A 6 2.61 1.50 9.35
C ARG A 6 2.51 2.94 8.83
N ASP A 7 2.81 3.91 9.68
CA ASP A 7 2.64 5.34 9.35
C ASP A 7 3.37 5.83 8.09
N LYS A 8 4.68 5.59 8.00
CA LYS A 8 5.41 6.03 6.79
C LYS A 8 5.10 5.21 5.53
N LEU A 9 4.88 3.91 5.71
CA LEU A 9 4.41 3.00 4.65
C LEU A 9 3.06 3.47 4.07
N GLY A 10 2.21 4.02 4.95
CA GLY A 10 0.94 4.65 4.57
C GLY A 10 1.10 5.68 3.45
N LYS A 11 1.92 6.67 3.78
CA LYS A 11 2.30 7.81 2.91
C LYS A 11 2.79 7.34 1.53
N ILE A 12 3.75 6.41 1.55
CA ILE A 12 4.34 5.76 0.36
C ILE A 12 3.23 5.20 -0.54
N PHE A 13 2.52 4.21 -0.01
CA PHE A 13 1.56 3.43 -0.79
C PHE A 13 0.30 4.17 -1.22
N TYR A 14 -0.11 5.15 -0.43
CA TYR A 14 -1.21 6.06 -0.80
C TYR A 14 -0.83 6.93 -2.01
N ARG A 15 0.32 7.61 -1.89
CA ARG A 15 0.90 8.42 -2.97
C ARG A 15 1.21 7.58 -4.24
N ALA A 16 1.84 6.43 -4.03
CA ALA A 16 2.05 5.36 -5.04
C ALA A 16 0.81 5.09 -5.89
N LEU A 17 -0.32 4.86 -5.22
CA LEU A 17 -1.63 4.69 -5.87
C LEU A 17 -2.14 5.99 -6.53
N THR A 18 -2.23 7.04 -5.72
CA THR A 18 -2.90 8.31 -6.07
C THR A 18 -2.29 9.08 -7.24
N GLN A 19 -0.95 9.08 -7.31
CA GLN A 19 -0.19 9.80 -8.34
C GLN A 19 0.58 8.94 -9.36
N TYR A 20 1.11 7.81 -8.93
CA TYR A 20 2.05 7.00 -9.73
C TYR A 20 1.46 5.74 -10.41
N LEU A 21 0.18 5.48 -10.21
CA LEU A 21 -0.46 4.22 -10.66
C LEU A 21 -1.67 4.45 -11.58
N THR A 22 -1.91 3.46 -12.44
CA THR A 22 -3.07 3.42 -13.37
C THR A 22 -4.17 2.47 -12.90
N PRO A 23 -5.44 2.76 -13.24
CA PRO A 23 -6.57 1.81 -13.06
C PRO A 23 -6.26 0.38 -13.55
N THR A 24 -5.52 0.28 -14.66
CA THR A 24 -4.95 -1.00 -15.12
C THR A 24 -3.46 -1.10 -14.80
N SER A 25 -3.20 -1.43 -13.54
CA SER A 25 -1.83 -1.61 -13.02
C SER A 25 -1.39 -3.07 -12.91
N ASN A 26 -0.07 -3.24 -12.98
CA ASN A 26 0.57 -4.50 -12.58
C ASN A 26 1.47 -4.37 -11.33
N PHE A 27 1.86 -5.54 -10.84
CA PHE A 27 2.72 -5.71 -9.65
C PHE A 27 4.06 -4.93 -9.78
N SER A 28 4.71 -5.09 -10.93
CA SER A 28 5.96 -4.36 -11.27
C SER A 28 5.78 -2.83 -11.36
N GLN A 29 4.60 -2.39 -11.82
CA GLN A 29 4.19 -0.97 -11.78
C GLN A 29 4.11 -0.44 -10.34
N LEU A 30 3.41 -1.18 -9.49
CA LEU A 30 3.28 -0.94 -8.05
C LEU A 30 4.64 -0.79 -7.36
N ARG A 31 5.53 -1.72 -7.70
CA ARG A 31 6.93 -1.70 -7.24
C ARG A 31 7.63 -0.36 -7.56
N ALA A 32 7.57 0.02 -8.84
CA ALA A 32 8.17 1.28 -9.33
C ALA A 32 7.58 2.51 -8.62
N ALA A 33 6.25 2.54 -8.55
CA ALA A 33 5.44 3.59 -7.89
C ALA A 33 5.77 3.76 -6.40
N ALA A 34 5.80 2.65 -5.66
CA ALA A 34 6.10 2.64 -4.22
C ALA A 34 7.55 3.04 -3.89
N VAL A 35 8.50 2.60 -4.72
CA VAL A 35 9.92 2.98 -4.60
C VAL A 35 10.08 4.50 -4.81
N GLN A 36 9.52 5.00 -5.92
CA GLN A 36 9.45 6.45 -6.23
C GLN A 36 8.85 7.28 -5.08
N SER A 37 7.77 6.74 -4.50
CA SER A 37 7.06 7.40 -3.39
C SER A 37 7.95 7.58 -2.15
N ALA A 38 8.56 6.48 -1.73
CA ALA A 38 9.55 6.46 -0.61
C ALA A 38 10.78 7.37 -0.84
N THR A 39 11.23 7.47 -2.09
CA THR A 39 12.36 8.36 -2.49
C THR A 39 11.92 9.84 -2.41
N ASP A 40 10.78 10.16 -3.01
CA ASP A 40 10.16 11.51 -2.89
C ASP A 40 9.96 11.96 -1.44
N LEU A 41 9.64 11.01 -0.56
CA LEU A 41 9.36 11.28 0.87
C LEU A 41 10.60 11.33 1.78
N TYR A 42 11.47 10.32 1.70
CA TYR A 42 12.58 10.22 2.68
C TYR A 42 14.00 10.08 2.10
N GLY A 43 14.14 10.26 0.79
CA GLY A 43 15.41 10.00 0.09
C GLY A 43 15.58 8.52 -0.29
N SER A 44 16.40 8.34 -1.32
CA SER A 44 16.76 7.02 -1.87
C SER A 44 17.81 6.20 -1.11
N THR A 45 18.78 6.88 -0.55
CA THR A 45 19.77 6.31 0.40
C THR A 45 19.16 5.98 1.78
N SER A 46 17.84 5.80 1.79
CA SER A 46 17.04 5.68 3.02
C SER A 46 16.33 4.35 3.23
N GLN A 47 16.31 3.93 4.50
CA GLN A 47 15.67 2.67 4.95
C GLN A 47 14.14 2.58 4.87
N GLU A 48 13.50 3.70 4.50
CA GLU A 48 12.08 3.73 4.15
C GLU A 48 11.83 3.04 2.78
N VAL A 49 12.68 3.36 1.79
CA VAL A 49 12.73 2.66 0.48
C VAL A 49 12.99 1.15 0.69
N ALA A 50 13.86 0.84 1.65
CA ALA A 50 14.16 -0.54 2.09
C ALA A 50 12.90 -1.36 2.42
N SER A 51 12.04 -0.84 3.30
CA SER A 51 10.80 -1.55 3.70
C SER A 51 9.88 -1.84 2.50
N VAL A 52 9.81 -0.86 1.59
CA VAL A 52 9.09 -0.97 0.30
C VAL A 52 9.62 -2.19 -0.50
N LYS A 53 10.90 -2.15 -0.86
CA LYS A 53 11.60 -3.21 -1.60
C LYS A 53 11.33 -4.61 -1.00
N GLN A 54 11.51 -4.68 0.31
CA GLN A 54 11.29 -5.89 1.13
C GLN A 54 9.89 -6.49 1.04
N ALA A 55 8.87 -5.63 1.04
CA ALA A 55 7.45 -6.03 0.92
C ALA A 55 7.18 -6.87 -0.35
N PHE A 56 7.82 -6.45 -1.44
CA PHE A 56 7.71 -7.08 -2.78
C PHE A 56 8.34 -8.48 -2.91
N ASP A 57 9.28 -8.75 -2.02
CA ASP A 57 10.01 -10.03 -1.95
C ASP A 57 9.22 -11.13 -1.20
N ALA A 58 8.44 -10.70 -0.20
CA ALA A 58 7.69 -11.60 0.70
C ALA A 58 6.27 -11.91 0.22
N VAL A 59 6.09 -11.85 -1.10
CA VAL A 59 4.75 -11.90 -1.70
C VAL A 59 4.28 -13.35 -1.88
N GLY A 60 3.41 -13.68 -0.94
CA GLY A 60 2.84 -15.03 -0.76
C GLY A 60 3.24 -15.69 0.56
N VAL A 61 4.20 -15.09 1.28
CA VAL A 61 4.70 -15.62 2.55
C VAL A 61 3.90 -15.00 3.72
N LYS A 62 2.88 -15.75 4.13
CA LYS A 62 2.03 -15.46 5.32
C LYS A 62 2.73 -14.77 6.50
N VAL B 1 -9.96 14.57 7.92
CA VAL B 1 -10.33 13.13 8.07
C VAL B 1 -9.22 12.31 8.74
N VAL B 2 -9.69 11.40 9.59
CA VAL B 2 -8.83 10.47 10.33
C VAL B 2 -8.00 9.60 9.36
N GLY B 3 -6.78 9.34 9.79
CA GLY B 3 -5.75 8.62 9.01
C GLY B 3 -6.00 7.11 8.88
N ILE B 4 -7.25 6.74 8.62
CA ILE B 4 -7.69 5.34 8.49
C ILE B 4 -7.25 4.65 7.20
N GLY B 5 -7.27 5.43 6.14
CA GLY B 5 -6.42 5.16 4.96
C GLY B 5 -5.00 5.62 5.32
N ARG B 6 -4.77 6.90 5.01
CA ARG B 6 -3.46 7.61 5.11
C ARG B 6 -2.31 6.97 5.91
N ASP B 7 -2.46 6.80 7.23
CA ASP B 7 -1.40 6.23 8.09
C ASP B 7 -1.46 4.70 8.17
N LYS B 8 -2.63 4.20 8.56
CA LYS B 8 -2.96 2.77 8.80
C LYS B 8 -2.78 1.90 7.55
N LEU B 9 -2.90 2.55 6.41
CA LEU B 9 -2.53 2.14 5.04
C LEU B 9 -1.26 1.28 5.00
N GLY B 10 -0.31 1.61 5.88
CA GLY B 10 0.95 0.87 6.05
C GLY B 10 0.81 -0.62 6.32
N LYS B 11 0.10 -0.90 7.41
CA LYS B 11 -0.20 -2.27 7.88
C LYS B 11 -1.03 -3.05 6.84
N ILE B 12 -2.07 -2.37 6.34
CA ILE B 12 -2.98 -2.87 5.28
C ILE B 12 -2.18 -3.37 4.07
N PHE B 13 -1.27 -2.52 3.60
CA PHE B 13 -0.40 -2.86 2.47
C PHE B 13 0.74 -3.84 2.74
N TYR B 14 1.35 -3.76 3.92
CA TYR B 14 2.35 -4.78 4.33
C TYR B 14 1.71 -6.18 4.43
N ARG B 15 0.54 -6.28 5.07
CA ARG B 15 -0.23 -7.55 5.11
C ARG B 15 -0.65 -8.04 3.71
N ALA B 16 -1.16 -7.11 2.89
CA ALA B 16 -1.60 -7.38 1.50
C ALA B 16 -0.54 -8.09 0.67
N LEU B 17 0.64 -7.49 0.57
CA LEU B 17 1.81 -8.09 -0.09
C LEU B 17 2.22 -9.48 0.45
N THR B 18 2.44 -9.54 1.75
CA THR B 18 2.89 -10.79 2.43
C THR B 18 1.87 -11.93 2.37
N GLN B 19 0.66 -11.67 2.86
CA GLN B 19 -0.37 -12.69 3.10
C GLN B 19 -1.35 -12.93 1.94
N TYR B 20 -1.70 -11.86 1.23
CA TYR B 20 -2.87 -11.90 0.33
C TYR B 20 -2.56 -11.72 -1.17
N LEU B 21 -1.30 -11.50 -1.52
CA LEU B 21 -0.91 -11.15 -2.88
C LEU B 21 -0.05 -12.24 -3.53
N THR B 22 -0.22 -12.31 -4.84
CA THR B 22 0.62 -13.12 -5.74
C THR B 22 1.71 -12.26 -6.41
N PRO B 23 2.83 -12.90 -6.75
CA PRO B 23 3.84 -12.32 -7.66
C PRO B 23 3.21 -11.82 -8.98
N THR B 24 2.30 -12.62 -9.53
CA THR B 24 1.53 -12.35 -10.77
C THR B 24 0.39 -11.33 -10.62
N SER B 25 0.63 -10.30 -9.81
CA SER B 25 -0.40 -9.29 -9.48
C SER B 25 -0.72 -8.25 -10.55
N ASN B 26 -1.98 -7.86 -10.44
CA ASN B 26 -2.62 -6.75 -11.18
C ASN B 26 -3.27 -5.85 -10.12
N PHE B 27 -3.65 -4.68 -10.59
CA PHE B 27 -4.35 -3.64 -9.80
C PHE B 27 -5.57 -4.20 -9.01
N SER B 28 -6.38 -4.98 -9.73
CA SER B 28 -7.57 -5.69 -9.20
C SER B 28 -7.29 -6.62 -8.01
N GLN B 29 -6.26 -7.46 -8.15
CA GLN B 29 -5.78 -8.36 -7.09
C GLN B 29 -5.27 -7.61 -5.84
N LEU B 30 -4.58 -6.49 -6.06
CA LEU B 30 -4.09 -5.60 -5.00
C LEU B 30 -5.25 -5.05 -4.15
N ARG B 31 -6.31 -4.64 -4.84
CA ARG B 31 -7.53 -4.12 -4.22
C ARG B 31 -8.14 -5.14 -3.24
N ALA B 32 -8.38 -6.35 -3.76
CA ALA B 32 -8.85 -7.50 -2.98
C ALA B 32 -7.98 -7.77 -1.73
N ALA B 33 -6.67 -7.68 -1.93
CA ALA B 33 -5.65 -7.98 -0.91
C ALA B 33 -5.62 -6.96 0.23
N ALA B 34 -5.74 -5.69 -0.11
CA ALA B 34 -5.72 -4.57 0.86
C ALA B 34 -7.03 -4.38 1.63
N VAL B 35 -8.18 -4.59 0.98
CA VAL B 35 -9.48 -4.54 1.67
C VAL B 35 -9.66 -5.66 2.72
N GLN B 36 -9.13 -6.83 2.37
CA GLN B 36 -9.02 -8.00 3.27
C GLN B 36 -8.13 -7.81 4.50
N SER B 37 -7.03 -7.09 4.33
CA SER B 37 -6.11 -6.71 5.42
C SER B 37 -6.79 -5.72 6.38
N ALA B 38 -7.37 -4.67 5.79
CA ALA B 38 -8.23 -3.70 6.47
C ALA B 38 -9.38 -4.35 7.28
N THR B 39 -9.90 -5.44 6.72
CA THR B 39 -10.89 -6.33 7.36
C THR B 39 -10.25 -7.06 8.55
N ASP B 40 -9.18 -7.81 8.30
CA ASP B 40 -8.47 -8.56 9.36
C ASP B 40 -7.91 -7.74 10.53
N LEU B 41 -7.52 -6.49 10.22
CA LEU B 41 -7.10 -5.52 11.24
C LEU B 41 -8.28 -4.91 12.01
N TYR B 42 -9.05 -4.07 11.31
CA TYR B 42 -10.07 -3.22 11.97
C TYR B 42 -11.55 -3.55 11.72
N GLY B 43 -11.79 -4.78 11.26
CA GLY B 43 -13.14 -5.30 11.00
C GLY B 43 -13.59 -5.14 9.55
N SER B 44 -14.57 -5.97 9.22
CA SER B 44 -15.35 -5.85 7.98
C SER B 44 -16.40 -4.75 7.97
N THR B 45 -17.07 -4.57 9.10
CA THR B 45 -17.95 -3.41 9.36
C THR B 45 -17.13 -2.17 9.72
N SER B 46 -16.12 -1.91 8.90
CA SER B 46 -15.12 -0.88 9.20
C SER B 46 -15.01 0.20 8.11
N GLN B 47 -15.01 1.45 8.57
CA GLN B 47 -14.64 2.58 7.72
C GLN B 47 -13.17 2.58 7.27
N GLU B 48 -12.33 1.77 7.91
CA GLU B 48 -10.97 1.53 7.42
C GLU B 48 -10.98 0.82 6.05
N VAL B 49 -11.87 -0.16 5.86
CA VAL B 49 -12.08 -0.84 4.56
C VAL B 49 -12.56 0.19 3.51
N ALA B 50 -13.56 0.99 3.89
CA ALA B 50 -14.05 2.17 3.13
C ALA B 50 -12.92 3.11 2.67
N SER B 51 -12.01 3.39 3.60
CA SER B 51 -10.83 4.24 3.41
C SER B 51 -9.69 3.67 2.56
N VAL B 52 -9.61 2.35 2.55
CA VAL B 52 -8.69 1.60 1.67
C VAL B 52 -9.20 1.62 0.22
N LYS B 53 -10.50 1.40 0.03
CA LYS B 53 -11.16 1.56 -1.29
C LYS B 53 -10.92 2.96 -1.87
N GLN B 54 -11.02 3.96 -0.98
CA GLN B 54 -10.69 5.38 -1.27
C GLN B 54 -9.31 5.56 -1.95
N ALA B 55 -8.31 4.81 -1.47
CA ALA B 55 -6.94 4.81 -2.04
C ALA B 55 -6.92 4.42 -3.53
N PHE B 56 -7.73 3.39 -3.83
CA PHE B 56 -7.89 2.83 -5.19
C PHE B 56 -8.72 3.73 -6.12
N ASP B 57 -9.67 4.46 -5.53
CA ASP B 57 -10.53 5.41 -6.28
C ASP B 57 -9.76 6.65 -6.75
N ALA B 58 -8.86 7.12 -5.89
CA ALA B 58 -8.00 8.29 -6.16
C ALA B 58 -6.73 8.02 -6.98
N VAL B 59 -6.67 6.82 -7.57
CA VAL B 59 -5.63 6.42 -8.54
C VAL B 59 -5.77 7.22 -9.86
N GLY B 60 -5.06 8.34 -9.85
CA GLY B 60 -5.07 9.34 -10.93
C GLY B 60 -5.96 10.52 -10.55
N VAL B 61 -7.20 10.18 -10.16
CA VAL B 61 -8.24 11.15 -9.76
C VAL B 61 -8.08 11.46 -8.25
N LYS B 62 -6.94 12.09 -8.00
CA LYS B 62 -6.53 12.64 -6.69
C LYS B 62 -7.64 13.42 -5.94
N VAL A 1 10.37 5.13 17.78
CA VAL A 1 11.04 5.74 16.60
C VAL A 1 10.18 5.64 15.32
N VAL A 2 10.74 6.14 14.22
CA VAL A 2 10.13 6.10 12.87
C VAL A 2 9.86 4.65 12.43
N GLY A 3 8.59 4.26 12.56
CA GLY A 3 8.08 2.95 12.14
C GLY A 3 7.83 2.89 10.62
N ILE A 4 8.93 2.89 9.88
CA ILE A 4 8.95 2.88 8.40
C ILE A 4 8.13 1.78 7.71
N GLY A 5 8.48 0.56 8.10
CA GLY A 5 8.01 -0.70 7.47
C GLY A 5 6.74 -1.27 8.10
N ARG A 6 5.80 -0.35 8.32
CA ARG A 6 4.43 -0.65 8.77
C ARG A 6 3.55 0.61 8.79
N ASP A 7 3.98 1.60 9.58
CA ASP A 7 3.25 2.87 9.78
C ASP A 7 3.44 3.86 8.61
N LYS A 8 4.69 4.25 8.36
CA LYS A 8 5.04 5.18 7.25
C LYS A 8 4.78 4.60 5.85
N LEU A 9 4.70 3.28 5.78
CA LEU A 9 4.16 2.51 4.63
C LEU A 9 2.82 3.08 4.14
N GLY A 10 2.04 3.65 5.06
CA GLY A 10 0.80 4.40 4.79
C GLY A 10 0.99 5.53 3.75
N LYS A 11 1.86 6.47 4.10
CA LYS A 11 2.25 7.63 3.27
C LYS A 11 2.68 7.20 1.85
N ILE A 12 3.57 6.21 1.82
CA ILE A 12 4.15 5.64 0.58
C ILE A 12 3.03 5.13 -0.33
N PHE A 13 2.31 4.11 0.14
CA PHE A 13 1.29 3.46 -0.67
C PHE A 13 0.06 4.29 -1.01
N TYR A 14 -0.31 5.22 -0.14
CA TYR A 14 -1.33 6.25 -0.45
C TYR A 14 -0.93 7.04 -1.72
N ARG A 15 0.26 7.64 -1.64
CA ARG A 15 0.89 8.39 -2.75
C ARG A 15 1.15 7.52 -4.01
N ALA A 16 1.55 6.26 -3.79
CA ALA A 16 1.73 5.27 -4.86
C ALA A 16 0.43 5.09 -5.67
N LEU A 17 -0.68 4.89 -4.96
CA LEU A 17 -2.01 4.84 -5.60
C LEU A 17 -2.42 6.12 -6.34
N THR A 18 -2.41 7.24 -5.61
CA THR A 18 -2.91 8.54 -6.08
C THR A 18 -2.09 9.23 -7.18
N GLN A 19 -0.76 9.11 -7.13
CA GLN A 19 0.12 9.72 -8.14
C GLN A 19 0.75 8.75 -9.16
N TYR A 20 1.14 7.57 -8.70
CA TYR A 20 2.01 6.67 -9.48
C TYR A 20 1.36 5.43 -10.12
N LEU A 21 0.10 5.15 -9.78
CA LEU A 21 -0.59 3.93 -10.23
C LEU A 21 -1.57 4.14 -11.40
N THR A 22 -1.82 3.02 -12.06
CA THR A 22 -2.79 2.89 -13.17
C THR A 22 -3.97 2.01 -12.77
N PRO A 23 -5.13 2.25 -13.40
CA PRO A 23 -6.28 1.34 -13.39
C PRO A 23 -5.98 -0.16 -13.59
N THR A 24 -4.94 -0.48 -14.34
CA THR A 24 -4.50 -1.89 -14.57
C THR A 24 -3.10 -2.23 -14.02
N SER A 25 -2.73 -1.61 -12.89
CA SER A 25 -1.44 -1.84 -12.25
C SER A 25 -1.09 -3.24 -11.77
N ASN A 26 -0.37 -3.92 -12.67
CA ASN A 26 0.38 -5.13 -12.32
C ASN A 26 1.37 -4.91 -11.16
N PHE A 27 1.77 -6.07 -10.65
CA PHE A 27 2.67 -6.21 -9.50
C PHE A 27 4.03 -5.50 -9.71
N SER A 28 4.60 -5.69 -10.91
CA SER A 28 5.87 -5.04 -11.35
C SER A 28 5.79 -3.52 -11.26
N GLN A 29 4.63 -2.97 -11.65
CA GLN A 29 4.31 -1.53 -11.56
C GLN A 29 4.21 -1.05 -10.11
N LEU A 30 3.57 -1.83 -9.23
CA LEU A 30 3.48 -1.52 -7.79
C LEU A 30 4.85 -1.33 -7.15
N ARG A 31 5.80 -2.18 -7.56
CA ARG A 31 7.21 -2.09 -7.14
C ARG A 31 7.81 -0.70 -7.38
N ALA A 32 7.74 -0.27 -8.63
CA ALA A 32 8.23 1.06 -9.06
C ALA A 32 7.51 2.22 -8.35
N ALA A 33 6.17 2.12 -8.32
CA ALA A 33 5.29 3.14 -7.74
C ALA A 33 5.50 3.41 -6.23
N ALA A 34 5.67 2.32 -5.47
CA ALA A 34 5.91 2.36 -4.02
C ALA A 34 7.31 2.89 -3.64
N VAL A 35 8.31 2.50 -4.43
CA VAL A 35 9.71 2.95 -4.24
C VAL A 35 9.85 4.45 -4.58
N GLN A 36 9.14 4.87 -5.63
CA GLN A 36 9.03 6.28 -6.05
C GLN A 36 8.46 7.22 -4.98
N SER A 37 7.36 6.79 -4.36
CA SER A 37 6.71 7.50 -3.25
C SER A 37 7.58 7.64 -2.00
N ALA A 38 8.22 6.53 -1.60
CA ALA A 38 9.26 6.55 -0.53
C ALA A 38 10.37 7.58 -0.79
N THR A 39 10.84 7.59 -2.04
CA THR A 39 11.83 8.54 -2.59
C THR A 39 11.31 9.99 -2.49
N ASP A 40 10.15 10.26 -3.08
CA ASP A 40 9.54 11.61 -3.05
C ASP A 40 9.24 12.16 -1.64
N LEU A 41 8.82 11.28 -0.74
CA LEU A 41 8.47 11.67 0.64
C LEU A 41 9.66 11.90 1.59
N TYR A 42 10.61 10.96 1.59
CA TYR A 42 11.74 10.98 2.54
C TYR A 42 13.13 11.25 1.96
N GLY A 43 13.18 11.48 0.65
CA GLY A 43 14.43 11.57 -0.14
C GLY A 43 14.99 10.17 -0.41
N SER A 44 15.62 10.00 -1.57
CA SER A 44 16.27 8.71 -1.93
C SER A 44 17.53 8.32 -1.16
N THR A 45 17.99 9.24 -0.32
CA THR A 45 18.96 9.02 0.77
C THR A 45 18.38 8.15 1.89
N SER A 46 17.08 8.28 2.10
CA SER A 46 16.34 7.55 3.13
C SER A 46 16.08 6.07 2.81
N GLN A 47 16.51 5.26 3.77
CA GLN A 47 16.33 3.80 3.75
C GLN A 47 14.89 3.28 3.92
N GLU A 48 13.94 4.22 3.92
CA GLU A 48 12.51 3.91 3.73
C GLU A 48 12.29 3.18 2.39
N VAL A 49 13.06 3.58 1.36
CA VAL A 49 13.06 2.93 0.03
C VAL A 49 13.41 1.43 0.15
N ALA A 50 14.48 1.15 0.89
CA ALA A 50 14.90 -0.22 1.27
C ALA A 50 13.79 -1.01 1.97
N SER A 51 13.18 -0.39 2.98
CA SER A 51 12.01 -0.93 3.72
C SER A 51 10.82 -1.30 2.81
N VAL A 52 10.54 -0.44 1.84
CA VAL A 52 9.44 -0.60 0.85
C VAL A 52 9.67 -1.81 -0.07
N LYS A 53 10.90 -1.98 -0.52
CA LYS A 53 11.32 -3.15 -1.33
C LYS A 53 11.10 -4.49 -0.61
N GLN A 54 11.35 -4.49 0.70
CA GLN A 54 11.14 -5.66 1.57
C GLN A 54 9.68 -6.18 1.61
N ALA A 55 8.74 -5.27 1.37
CA ALA A 55 7.31 -5.58 1.18
C ALA A 55 7.09 -6.50 -0.02
N PHE A 56 7.79 -6.17 -1.12
CA PHE A 56 7.76 -6.91 -2.39
C PHE A 56 8.53 -8.24 -2.36
N ASP A 57 9.71 -8.18 -1.75
CA ASP A 57 10.55 -9.35 -1.43
C ASP A 57 9.79 -10.47 -0.68
N ALA A 58 8.76 -10.06 0.08
CA ALA A 58 7.90 -10.94 0.92
C ALA A 58 6.61 -11.48 0.27
N VAL A 59 6.40 -11.19 -1.01
CA VAL A 59 5.12 -11.47 -1.69
C VAL A 59 4.93 -12.96 -2.03
N GLY A 60 4.21 -13.58 -1.10
CA GLY A 60 3.84 -15.02 -1.11
C GLY A 60 4.22 -15.79 0.18
N VAL A 61 4.45 -15.07 1.26
CA VAL A 61 4.81 -15.65 2.57
C VAL A 61 3.50 -15.79 3.38
N LYS A 62 2.88 -16.93 3.07
CA LYS A 62 1.54 -17.38 3.55
C LYS A 62 0.37 -16.39 3.36
N VAL B 1 -13.19 7.31 13.60
CA VAL B 1 -11.74 7.53 13.70
C VAL B 1 -11.11 8.44 12.62
N VAL B 2 -10.40 9.40 13.20
CA VAL B 2 -9.65 10.43 12.48
C VAL B 2 -8.27 9.95 12.00
N GLY B 3 -7.80 10.67 10.99
CA GLY B 3 -6.47 10.48 10.35
C GLY B 3 -6.51 9.38 9.28
N ILE B 4 -6.83 8.19 9.76
CA ILE B 4 -6.91 6.91 9.02
C ILE B 4 -5.86 6.66 7.93
N GLY B 5 -6.22 7.02 6.71
CA GLY B 5 -5.51 6.73 5.44
C GLY B 5 -3.99 6.69 5.55
N ARG B 6 -3.42 7.89 5.68
CA ARG B 6 -1.97 8.10 5.47
C ARG B 6 -0.97 7.40 6.43
N ASP B 7 -1.44 6.89 7.56
CA ASP B 7 -0.63 5.97 8.39
C ASP B 7 -1.18 4.54 8.48
N LYS B 8 -2.49 4.43 8.64
CA LYS B 8 -3.14 3.13 8.86
C LYS B 8 -3.09 2.22 7.63
N LEU B 9 -3.20 2.83 6.45
CA LEU B 9 -3.11 2.17 5.12
C LEU B 9 -1.87 1.28 4.94
N GLY B 10 -0.80 1.63 5.65
CA GLY B 10 0.47 0.88 5.69
C GLY B 10 0.32 -0.58 6.17
N LYS B 11 -0.34 -0.73 7.32
CA LYS B 11 -0.66 -2.03 7.93
C LYS B 11 -1.41 -2.96 6.96
N ILE B 12 -2.39 -2.38 6.28
CA ILE B 12 -3.21 -3.01 5.22
C ILE B 12 -2.33 -3.48 4.06
N PHE B 13 -1.67 -2.51 3.44
CA PHE B 13 -0.89 -2.73 2.21
C PHE B 13 0.32 -3.64 2.36
N TYR B 14 1.00 -3.55 3.49
CA TYR B 14 2.06 -4.52 3.84
C TYR B 14 1.49 -5.95 3.91
N ARG B 15 0.40 -6.10 4.67
CA ARG B 15 -0.28 -7.38 4.86
C ARG B 15 -0.86 -7.98 3.54
N ALA B 16 -1.51 -7.12 2.76
CA ALA B 16 -1.99 -7.43 1.39
C ALA B 16 -0.89 -8.09 0.54
N LEU B 17 0.32 -7.57 0.59
CA LEU B 17 1.48 -8.11 -0.15
C LEU B 17 1.87 -9.53 0.30
N THR B 18 2.25 -9.64 1.58
CA THR B 18 2.66 -10.89 2.25
C THR B 18 1.65 -12.05 2.17
N GLN B 19 0.41 -11.74 2.54
CA GLN B 19 -0.73 -12.69 2.61
C GLN B 19 -1.52 -12.93 1.31
N TYR B 20 -1.80 -11.86 0.58
CA TYR B 20 -2.82 -11.86 -0.48
C TYR B 20 -2.31 -11.64 -1.93
N LEU B 21 -1.17 -10.99 -2.09
CA LEU B 21 -0.56 -10.73 -3.40
C LEU B 21 0.41 -11.83 -3.88
N THR B 22 0.56 -11.86 -5.20
CA THR B 22 1.49 -12.77 -5.92
C THR B 22 2.51 -11.97 -6.73
N PRO B 23 3.59 -12.63 -7.16
CA PRO B 23 4.49 -12.09 -8.20
C PRO B 23 3.78 -11.64 -9.50
N THR B 24 2.57 -12.15 -9.71
CA THR B 24 1.72 -11.90 -10.90
C THR B 24 0.54 -10.94 -10.71
N SER B 25 0.47 -10.25 -9.57
CA SER B 25 -0.66 -9.36 -9.22
C SER B 25 -1.00 -8.26 -10.23
N ASN B 26 -2.30 -7.99 -10.25
CA ASN B 26 -2.88 -6.78 -10.88
C ASN B 26 -3.66 -5.96 -9.85
N PHE B 27 -4.06 -4.78 -10.31
CA PHE B 27 -4.77 -3.73 -9.58
C PHE B 27 -6.07 -4.28 -8.97
N SER B 28 -6.89 -4.99 -9.76
CA SER B 28 -8.07 -5.72 -9.25
C SER B 28 -7.82 -6.76 -8.14
N GLN B 29 -6.63 -7.40 -8.11
CA GLN B 29 -6.22 -8.27 -6.99
C GLN B 29 -5.87 -7.43 -5.75
N LEU B 30 -5.09 -6.36 -5.93
CA LEU B 30 -4.69 -5.39 -4.90
C LEU B 30 -5.90 -4.81 -4.15
N ARG B 31 -6.93 -4.48 -4.92
CA ARG B 31 -8.25 -4.07 -4.41
C ARG B 31 -8.80 -5.06 -3.37
N ALA B 32 -8.99 -6.30 -3.82
CA ALA B 32 -9.49 -7.41 -2.96
C ALA B 32 -8.60 -7.66 -1.73
N ALA B 33 -7.30 -7.70 -1.97
CA ALA B 33 -6.26 -7.94 -0.96
C ALA B 33 -6.27 -6.88 0.16
N ALA B 34 -6.19 -5.61 -0.23
CA ALA B 34 -6.21 -4.46 0.69
C ALA B 34 -7.52 -4.32 1.48
N VAL B 35 -8.64 -4.64 0.83
CA VAL B 35 -9.97 -4.60 1.50
C VAL B 35 -10.07 -5.67 2.60
N GLN B 36 -9.74 -6.92 2.28
CA GLN B 36 -9.76 -8.04 3.25
C GLN B 36 -8.76 -7.88 4.40
N SER B 37 -7.60 -7.31 4.07
CA SER B 37 -6.52 -6.98 5.01
C SER B 37 -6.95 -5.94 6.06
N ALA B 38 -7.61 -4.88 5.59
CA ALA B 38 -8.22 -3.85 6.45
C ALA B 38 -9.29 -4.44 7.39
N THR B 39 -10.19 -5.25 6.85
CA THR B 39 -11.18 -6.04 7.62
C THR B 39 -10.51 -6.92 8.70
N ASP B 40 -9.43 -7.60 8.32
CA ASP B 40 -8.63 -8.45 9.24
C ASP B 40 -8.08 -7.69 10.45
N LEU B 41 -7.51 -6.52 10.18
CA LEU B 41 -6.87 -5.65 11.19
C LEU B 41 -7.84 -4.78 12.02
N TYR B 42 -8.81 -4.20 11.33
CA TYR B 42 -9.73 -3.20 11.91
C TYR B 42 -11.21 -3.61 12.08
N GLY B 43 -11.59 -4.74 11.50
CA GLY B 43 -13.00 -5.13 11.35
C GLY B 43 -13.67 -4.27 10.26
N SER B 44 -14.44 -4.93 9.40
CA SER B 44 -15.14 -4.22 8.30
C SER B 44 -16.16 -3.15 8.62
N THR B 45 -16.59 -3.10 9.88
CA THR B 45 -17.40 -2.01 10.43
C THR B 45 -16.63 -0.68 10.52
N SER B 46 -15.31 -0.80 10.50
CA SER B 46 -14.38 0.34 10.50
C SER B 46 -14.21 0.96 9.11
N GLN B 47 -14.60 2.23 9.04
CA GLN B 47 -14.42 3.11 7.87
C GLN B 47 -12.98 3.29 7.34
N GLU B 48 -12.02 2.74 8.09
CA GLU B 48 -10.65 2.49 7.59
C GLU B 48 -10.67 1.61 6.32
N VAL B 49 -11.57 0.63 6.28
CA VAL B 49 -11.86 -0.20 5.10
C VAL B 49 -12.40 0.66 3.92
N ALA B 50 -13.21 1.66 4.25
CA ALA B 50 -13.72 2.67 3.29
C ALA B 50 -12.57 3.53 2.73
N SER B 51 -11.72 4.02 3.62
CA SER B 51 -10.51 4.79 3.26
C SER B 51 -9.59 4.02 2.30
N VAL B 52 -9.43 2.73 2.58
CA VAL B 52 -8.72 1.78 1.70
C VAL B 52 -9.30 1.73 0.27
N LYS B 53 -10.60 1.45 0.12
CA LYS B 53 -11.20 1.37 -1.23
C LYS B 53 -11.27 2.72 -1.98
N GLN B 54 -11.46 3.82 -1.23
CA GLN B 54 -11.37 5.21 -1.73
C GLN B 54 -10.06 5.53 -2.47
N ALA B 55 -8.95 4.97 -1.98
CA ALA B 55 -7.61 5.13 -2.58
C ALA B 55 -7.61 4.76 -4.07
N PHE B 56 -8.25 3.61 -4.33
CA PHE B 56 -8.38 2.99 -5.66
C PHE B 56 -9.21 3.79 -6.70
N ASP B 57 -10.01 4.74 -6.23
CA ASP B 57 -10.85 5.61 -7.08
C ASP B 57 -10.07 6.83 -7.63
N ALA B 58 -9.16 7.37 -6.83
CA ALA B 58 -8.24 8.46 -7.25
C ALA B 58 -7.23 8.02 -8.33
N VAL B 59 -7.11 6.69 -8.48
CA VAL B 59 -6.27 6.04 -9.50
C VAL B 59 -7.00 6.11 -10.85
N GLY B 60 -6.76 7.24 -11.49
CA GLY B 60 -7.38 7.64 -12.77
C GLY B 60 -8.01 9.03 -12.62
N VAL B 61 -8.70 9.22 -11.51
CA VAL B 61 -9.28 10.53 -11.13
C VAL B 61 -8.25 11.24 -10.26
N LYS B 62 -7.22 11.71 -10.96
CA LYS B 62 -6.05 12.36 -10.32
C LYS B 62 -6.37 13.72 -9.68
N VAL A 1 14.57 -0.63 15.21
CA VAL A 1 13.90 -1.78 14.56
C VAL A 1 13.55 -1.47 13.09
N VAL A 2 13.77 -2.47 12.24
CA VAL A 2 13.58 -2.35 10.77
C VAL A 2 12.10 -2.34 10.29
N GLY A 3 11.17 -2.16 11.23
CA GLY A 3 9.72 -2.18 10.98
C GLY A 3 9.15 -0.84 10.45
N ILE A 4 10.05 0.08 10.10
CA ILE A 4 9.78 1.42 9.51
C ILE A 4 8.64 1.49 8.49
N GLY A 5 8.71 0.53 7.55
CA GLY A 5 7.70 0.30 6.51
C GLY A 5 6.27 0.37 7.09
N ARG A 6 6.02 -0.51 8.05
CA ARG A 6 4.73 -0.67 8.73
C ARG A 6 4.10 0.63 9.28
N ASP A 7 4.91 1.48 9.88
CA ASP A 7 4.43 2.79 10.38
C ASP A 7 4.16 3.83 9.29
N LYS A 8 5.07 3.92 8.31
CA LYS A 8 5.05 5.02 7.32
C LYS A 8 4.42 4.75 5.94
N LEU A 9 4.03 3.49 5.67
CA LEU A 9 3.50 3.08 4.36
C LEU A 9 2.27 3.86 3.86
N GLY A 10 1.51 4.42 4.80
CA GLY A 10 0.35 5.31 4.57
C GLY A 10 0.54 6.29 3.42
N LYS A 11 1.47 7.20 3.66
CA LYS A 11 1.81 8.31 2.76
C LYS A 11 2.40 7.79 1.43
N ILE A 12 3.30 6.81 1.58
CA ILE A 12 3.95 6.08 0.47
C ILE A 12 2.89 5.52 -0.50
N PHE A 13 2.03 4.66 0.01
CA PHE A 13 1.05 3.93 -0.81
C PHE A 13 -0.12 4.73 -1.36
N TYR A 14 -0.57 5.75 -0.62
CA TYR A 14 -1.55 6.72 -1.17
C TYR A 14 -0.96 7.40 -2.43
N ARG A 15 0.25 7.94 -2.26
CA ARG A 15 0.99 8.61 -3.35
C ARG A 15 1.28 7.66 -4.54
N ALA A 16 1.77 6.46 -4.22
CA ALA A 16 1.98 5.38 -5.20
C ALA A 16 0.73 5.08 -6.03
N LEU A 17 -0.42 4.91 -5.36
CA LEU A 17 -1.72 4.70 -6.04
C LEU A 17 -2.16 5.88 -6.92
N THR A 18 -2.18 7.08 -6.35
CA THR A 18 -2.74 8.29 -7.01
C THR A 18 -1.87 8.86 -8.14
N GLN A 19 -0.58 9.02 -7.86
CA GLN A 19 0.39 9.66 -8.77
C GLN A 19 1.15 8.72 -9.70
N TYR A 20 1.33 7.47 -9.26
CA TYR A 20 2.15 6.49 -10.00
C TYR A 20 1.38 5.30 -10.62
N LEU A 21 0.23 4.94 -10.06
CA LEU A 21 -0.53 3.78 -10.54
C LEU A 21 -1.62 4.18 -11.53
N THR A 22 -1.69 3.33 -12.55
CA THR A 22 -2.73 3.36 -13.60
C THR A 22 -3.92 2.49 -13.21
N PRO A 23 -5.13 2.88 -13.61
CA PRO A 23 -6.36 2.07 -13.50
C PRO A 23 -6.15 0.57 -13.74
N THR A 24 -5.47 0.23 -14.83
CA THR A 24 -4.93 -1.13 -15.04
C THR A 24 -3.43 -1.17 -14.70
N SER A 25 -3.22 -1.57 -13.44
CA SER A 25 -1.87 -1.76 -12.84
C SER A 25 -1.50 -3.22 -12.60
N ASN A 26 -0.21 -3.41 -12.37
CA ASN A 26 0.38 -4.69 -11.96
C ASN A 26 1.32 -4.60 -10.74
N PHE A 27 1.95 -5.72 -10.41
CA PHE A 27 2.85 -5.85 -9.25
C PHE A 27 4.13 -5.00 -9.41
N SER A 28 4.87 -5.20 -10.49
CA SER A 28 6.06 -4.39 -10.87
C SER A 28 5.81 -2.87 -10.78
N GLN A 29 4.64 -2.44 -11.24
CA GLN A 29 4.19 -1.03 -11.11
C GLN A 29 4.17 -0.53 -9.66
N LEU A 30 3.49 -1.29 -8.79
CA LEU A 30 3.38 -1.02 -7.35
C LEU A 30 4.77 -0.90 -6.70
N ARG A 31 5.66 -1.80 -7.09
CA ARG A 31 7.07 -1.84 -6.62
C ARG A 31 7.82 -0.52 -6.87
N ALA A 32 7.88 -0.14 -8.14
CA ALA A 32 8.52 1.11 -8.60
C ALA A 32 7.86 2.34 -7.96
N ALA A 33 6.54 2.36 -8.01
CA ALA A 33 5.67 3.40 -7.42
C ALA A 33 5.93 3.66 -5.93
N ALA A 34 5.96 2.58 -5.14
CA ALA A 34 6.15 2.60 -3.69
C ALA A 34 7.55 3.08 -3.28
N VAL A 35 8.57 2.53 -3.93
CA VAL A 35 9.97 2.98 -3.76
C VAL A 35 10.18 4.45 -4.19
N GLN A 36 9.56 4.86 -5.30
CA GLN A 36 9.51 6.26 -5.77
C GLN A 36 8.80 7.24 -4.83
N SER A 37 7.78 6.73 -4.13
CA SER A 37 7.00 7.52 -3.15
C SER A 37 7.73 7.68 -1.81
N ALA A 38 8.31 6.58 -1.32
CA ALA A 38 9.15 6.57 -0.10
C ALA A 38 10.37 7.50 -0.19
N THR A 39 11.00 7.56 -1.36
CA THR A 39 12.10 8.48 -1.69
C THR A 39 11.66 9.95 -1.71
N ASP A 40 10.60 10.22 -2.47
CA ASP A 40 9.92 11.53 -2.48
C ASP A 40 9.61 12.08 -1.07
N LEU A 41 8.91 11.25 -0.30
CA LEU A 41 8.42 11.58 1.05
C LEU A 41 9.44 11.54 2.20
N TYR A 42 10.32 10.54 2.20
CA TYR A 42 11.27 10.32 3.32
C TYR A 42 12.76 10.34 2.95
N GLY A 43 13.06 10.84 1.75
CA GLY A 43 14.44 10.96 1.23
C GLY A 43 14.99 9.62 0.70
N SER A 44 15.85 9.74 -0.30
CA SER A 44 16.55 8.59 -0.90
C SER A 44 17.62 7.89 -0.08
N THR A 45 18.43 8.70 0.57
CA THR A 45 19.42 8.28 1.59
C THR A 45 18.75 7.75 2.88
N SER A 46 17.67 7.00 2.68
CA SER A 46 16.82 6.53 3.76
C SER A 46 16.57 5.02 3.72
N GLN A 47 16.82 4.44 4.88
CA GLN A 47 16.51 3.03 5.17
C GLN A 47 15.00 2.72 5.22
N GLU A 48 14.17 3.76 5.34
CA GLU A 48 12.70 3.61 5.26
C GLU A 48 12.30 3.01 3.89
N VAL A 49 12.96 3.47 2.82
CA VAL A 49 12.83 2.93 1.44
C VAL A 49 13.22 1.45 1.35
N ALA A 50 14.29 1.07 2.06
CA ALA A 50 14.72 -0.33 2.19
C ALA A 50 13.61 -1.21 2.79
N SER A 51 12.95 -0.65 3.81
CA SER A 51 11.75 -1.24 4.45
C SER A 51 10.49 -1.33 3.59
N VAL A 52 10.35 -0.36 2.68
CA VAL A 52 9.34 -0.43 1.59
C VAL A 52 9.63 -1.60 0.63
N LYS A 53 10.88 -1.74 0.17
CA LYS A 53 11.31 -2.88 -0.68
C LYS A 53 10.99 -4.24 -0.04
N GLN A 54 11.31 -4.36 1.25
CA GLN A 54 11.02 -5.54 2.11
C GLN A 54 9.60 -6.11 1.94
N ALA A 55 8.61 -5.23 1.81
CA ALA A 55 7.20 -5.61 1.57
C ALA A 55 7.02 -6.51 0.33
N PHE A 56 7.71 -6.08 -0.72
CA PHE A 56 7.76 -6.73 -2.06
C PHE A 56 8.50 -8.07 -2.09
N ASP A 57 9.38 -8.26 -1.10
CA ASP A 57 10.25 -9.44 -0.99
C ASP A 57 9.59 -10.70 -0.41
N ALA A 58 8.54 -10.52 0.40
CA ALA A 58 7.87 -11.65 1.08
C ALA A 58 6.46 -11.98 0.59
N VAL A 59 6.22 -11.59 -0.65
CA VAL A 59 4.90 -11.66 -1.32
C VAL A 59 4.65 -13.09 -1.83
N GLY A 60 3.97 -13.79 -0.94
CA GLY A 60 3.62 -15.22 -1.10
C GLY A 60 4.65 -16.08 -0.36
N VAL A 61 5.91 -15.75 -0.61
CA VAL A 61 7.08 -16.31 0.10
C VAL A 61 7.31 -15.59 1.45
N LYS A 62 6.33 -15.82 2.32
CA LYS A 62 6.21 -15.22 3.68
C LYS A 62 7.45 -15.42 4.58
N VAL B 1 -15.37 10.37 7.37
CA VAL B 1 -15.23 9.49 6.18
C VAL B 1 -13.87 9.45 5.46
N VAL B 2 -13.30 10.64 5.24
CA VAL B 2 -11.98 10.84 4.61
C VAL B 2 -10.82 10.80 5.60
N GLY B 3 -9.61 10.66 5.04
CA GLY B 3 -8.34 10.71 5.80
C GLY B 3 -7.97 9.38 6.48
N ILE B 4 -8.78 8.98 7.47
CA ILE B 4 -8.63 7.75 8.27
C ILE B 4 -7.76 6.63 7.68
N GLY B 5 -8.36 5.97 6.70
CA GLY B 5 -7.78 4.79 6.02
C GLY B 5 -6.58 5.15 5.13
N ARG B 6 -6.69 6.29 4.46
CA ARG B 6 -5.65 6.85 3.58
C ARG B 6 -4.28 6.99 4.27
N ASP B 7 -4.28 7.44 5.52
CA ASP B 7 -3.06 7.53 6.34
C ASP B 7 -2.69 6.23 7.06
N LYS B 8 -3.71 5.48 7.49
CA LYS B 8 -3.53 4.16 8.12
C LYS B 8 -3.07 3.00 7.21
N LEU B 9 -2.80 3.30 5.94
CA LEU B 9 -2.31 2.32 4.94
C LEU B 9 -1.02 1.58 5.34
N GLY B 10 -0.25 2.26 6.19
CA GLY B 10 0.93 1.77 6.93
C GLY B 10 0.98 0.25 7.13
N LYS B 11 0.04 -0.18 7.96
CA LYS B 11 -0.12 -1.58 8.42
C LYS B 11 -0.74 -2.48 7.34
N ILE B 12 -1.78 -1.92 6.72
CA ILE B 12 -2.67 -2.57 5.74
C ILE B 12 -1.87 -3.15 4.57
N PHE B 13 -1.12 -2.27 3.92
CA PHE B 13 -0.42 -2.62 2.67
C PHE B 13 0.73 -3.62 2.81
N TYR B 14 1.45 -3.55 3.93
CA TYR B 14 2.44 -4.60 4.29
C TYR B 14 1.76 -5.99 4.35
N ARG B 15 0.69 -6.07 5.16
CA ARG B 15 -0.09 -7.32 5.34
C ARG B 15 -0.71 -7.84 4.02
N ALA B 16 -1.26 -6.89 3.24
CA ALA B 16 -1.76 -7.14 1.88
C ALA B 16 -0.70 -7.74 0.95
N LEU B 17 0.52 -7.22 0.99
CA LEU B 17 1.62 -7.71 0.14
C LEU B 17 2.09 -9.13 0.49
N THR B 18 2.33 -9.38 1.77
CA THR B 18 2.88 -10.68 2.24
C THR B 18 1.94 -11.88 2.07
N GLN B 19 0.74 -11.73 2.65
CA GLN B 19 -0.33 -12.74 2.68
C GLN B 19 -1.24 -12.83 1.44
N TYR B 20 -1.73 -11.66 1.02
CA TYR B 20 -2.81 -11.53 0.02
C TYR B 20 -2.36 -11.36 -1.45
N LEU B 21 -1.27 -10.62 -1.66
CA LEU B 21 -0.70 -10.44 -3.00
C LEU B 21 0.15 -11.63 -3.46
N THR B 22 0.03 -11.85 -4.76
CA THR B 22 0.89 -12.79 -5.52
C THR B 22 2.04 -12.03 -6.19
N PRO B 23 3.13 -12.75 -6.52
CA PRO B 23 4.15 -12.25 -7.46
C PRO B 23 3.51 -11.68 -8.75
N THR B 24 2.56 -12.42 -9.29
CA THR B 24 1.86 -12.09 -10.55
C THR B 24 0.58 -11.29 -10.28
N SER B 25 0.77 -10.15 -9.63
CA SER B 25 -0.33 -9.27 -9.19
C SER B 25 -0.79 -8.24 -10.21
N ASN B 26 -2.09 -7.94 -10.10
CA ASN B 26 -2.76 -6.85 -10.81
C ASN B 26 -3.43 -5.88 -9.83
N PHE B 27 -3.90 -4.77 -10.40
CA PHE B 27 -4.58 -3.69 -9.65
C PHE B 27 -5.82 -4.23 -8.89
N SER B 28 -6.56 -5.12 -9.55
CA SER B 28 -7.77 -5.79 -9.02
C SER B 28 -7.53 -6.63 -7.75
N GLN B 29 -6.44 -7.42 -7.75
CA GLN B 29 -5.96 -8.16 -6.57
C GLN B 29 -5.70 -7.22 -5.38
N LEU B 30 -4.97 -6.15 -5.66
CA LEU B 30 -4.63 -5.07 -4.74
C LEU B 30 -5.88 -4.43 -4.08
N ARG B 31 -6.91 -4.17 -4.88
CA ARG B 31 -8.23 -3.68 -4.38
C ARG B 31 -8.76 -4.49 -3.19
N ALA B 32 -8.94 -5.79 -3.45
CA ALA B 32 -9.43 -6.75 -2.45
C ALA B 32 -8.47 -6.93 -1.27
N ALA B 33 -7.19 -7.17 -1.59
CA ALA B 33 -6.09 -7.36 -0.62
C ALA B 33 -6.00 -6.27 0.46
N ALA B 34 -6.07 -5.02 0.03
CA ALA B 34 -6.02 -3.84 0.93
C ALA B 34 -7.27 -3.70 1.80
N VAL B 35 -8.44 -3.85 1.18
CA VAL B 35 -9.75 -3.79 1.88
C VAL B 35 -9.87 -4.93 2.92
N GLN B 36 -9.39 -6.11 2.53
CA GLN B 36 -9.27 -7.30 3.40
C GLN B 36 -8.34 -7.06 4.60
N SER B 37 -7.12 -6.62 4.32
CA SER B 37 -6.12 -6.28 5.38
C SER B 37 -6.62 -5.25 6.40
N ALA B 38 -7.28 -4.21 5.90
CA ALA B 38 -7.93 -3.18 6.75
C ALA B 38 -9.00 -3.78 7.68
N THR B 39 -9.87 -4.61 7.10
CA THR B 39 -10.90 -5.39 7.82
C THR B 39 -10.29 -6.31 8.89
N ASP B 40 -9.22 -7.01 8.53
CA ASP B 40 -8.42 -7.84 9.47
C ASP B 40 -7.86 -7.03 10.66
N LEU B 41 -7.08 -6.00 10.33
CA LEU B 41 -6.31 -5.19 11.29
C LEU B 41 -7.13 -4.30 12.23
N TYR B 42 -8.19 -3.72 11.70
CA TYR B 42 -9.03 -2.75 12.43
C TYR B 42 -10.45 -3.23 12.75
N GLY B 43 -10.83 -4.39 12.21
CA GLY B 43 -12.23 -4.87 12.20
C GLY B 43 -13.05 -4.07 11.18
N SER B 44 -13.89 -4.76 10.42
CA SER B 44 -14.81 -4.08 9.47
C SER B 44 -15.89 -3.20 10.07
N THR B 45 -16.05 -3.30 11.39
CA THR B 45 -16.75 -2.29 12.22
C THR B 45 -16.20 -0.88 11.92
N SER B 46 -14.88 -0.80 11.82
CA SER B 46 -14.18 0.48 11.62
C SER B 46 -14.23 0.98 10.18
N GLN B 47 -14.73 2.21 10.09
CA GLN B 47 -14.73 3.01 8.85
C GLN B 47 -13.34 3.31 8.27
N GLU B 48 -12.27 2.90 8.96
CA GLU B 48 -10.90 2.93 8.42
C GLU B 48 -10.81 2.14 7.08
N VAL B 49 -11.49 0.99 7.02
CA VAL B 49 -11.67 0.16 5.80
C VAL B 49 -12.34 0.95 4.65
N ALA B 50 -13.38 1.69 5.02
CA ALA B 50 -14.20 2.50 4.10
C ALA B 50 -13.38 3.59 3.37
N SER B 51 -12.51 4.24 4.13
CA SER B 51 -11.53 5.20 3.59
C SER B 51 -10.37 4.58 2.79
N VAL B 52 -9.92 3.38 3.16
CA VAL B 52 -8.92 2.59 2.39
C VAL B 52 -9.32 2.39 0.92
N LYS B 53 -10.61 2.19 0.69
CA LYS B 53 -11.22 2.14 -0.67
C LYS B 53 -10.91 3.37 -1.54
N GLN B 54 -10.89 4.54 -0.91
CA GLN B 54 -10.61 5.85 -1.55
C GLN B 54 -9.24 5.92 -2.26
N ALA B 55 -8.24 5.22 -1.72
CA ALA B 55 -6.90 5.09 -2.32
C ALA B 55 -6.97 4.59 -3.78
N PHE B 56 -7.78 3.55 -3.95
CA PHE B 56 -8.11 2.92 -5.24
C PHE B 56 -8.98 3.80 -6.15
N ASP B 57 -10.00 4.41 -5.54
CA ASP B 57 -10.93 5.34 -6.23
C ASP B 57 -10.22 6.57 -6.85
N ALA B 58 -9.15 7.02 -6.20
CA ALA B 58 -8.37 8.20 -6.61
C ALA B 58 -7.23 7.95 -7.62
N VAL B 59 -7.14 6.73 -8.11
CA VAL B 59 -6.13 6.32 -9.11
C VAL B 59 -6.57 6.76 -10.51
N GLY B 60 -6.17 8.00 -10.78
CA GLY B 60 -6.45 8.71 -12.04
C GLY B 60 -7.70 9.59 -11.91
N VAL B 61 -8.71 9.03 -11.24
CA VAL B 61 -9.97 9.75 -10.94
C VAL B 61 -9.74 10.58 -9.66
N LYS B 62 -9.30 11.81 -9.88
CA LYS B 62 -9.05 12.77 -8.79
C LYS B 62 -10.32 13.32 -8.09
#